data_5GZ3
#
_entry.id   5GZ3
#
_cell.length_a   63.585
_cell.length_b   78.232
_cell.length_c   68.969
_cell.angle_alpha   90.000
_cell.angle_beta   107.250
_cell.angle_gamma   90.000
#
_symmetry.space_group_name_H-M   'P 1 21 1'
#
loop_
_entity.id
_entity.type
_entity.pdbx_description
1 polymer 'Meso-diaminopimelate D-dehydrogenase'
2 non-polymer 'NADP NICOTINAMIDE-ADENINE-DINUCLEOTIDE PHOSPHATE'
3 non-polymer 1,2-ETHANEDIOL
4 water water
#
_entity_poly.entity_id   1
_entity_poly.type   'polypeptide(L)'
_entity_poly.pdbx_seq_one_letter_code
;MSKIRIGIVGYGNLGRGVEAAIQQNPDMELVAVFTRRDPKTVAVKSNVKVLHVDDAQSYKDEIDVMILCGGSATDLPEQG
PYFAQYFNTIDSFATHARIPDYFDAVNAAAEQSGKVAIISVGWDPGLFSLNRLLGEVVLPVGNTYTFWGKGVSLGHSGAI
RRIQGVKNAVQYIIPIDEAVNRVRSGENPELSTREKHAMECFVVLEEGADPAKVEHEIKTMPNFFDEYDTTVHFISEEEL
KQNHSGMPNGGFVIRSGKSDEGHKQIIEFSLNLESNPMFTSSALVAYARAAYRLSQNGDKGAKTVFDIPFGLLSPKSPED
LRKELL
;
_entity_poly.pdbx_strand_id   A,B
#
loop_
_chem_comp.id
_chem_comp.type
_chem_comp.name
_chem_comp.formula
EDO non-polymer 1,2-ETHANEDIOL 'C2 H6 O2'
NAP non-polymer 'NADP NICOTINAMIDE-ADENINE-DINUCLEOTIDE PHOSPHATE' 'C21 H28 N7 O17 P3'
#
# COMPACT_ATOMS: atom_id res chain seq x y z
N SER A 2 21.71 19.38 8.19
CA SER A 2 20.89 20.52 7.79
C SER A 2 19.58 20.05 7.16
N LYS A 3 18.81 21.01 6.65
CA LYS A 3 17.57 20.71 6.04
C LYS A 3 17.89 20.15 4.66
N ILE A 4 16.96 19.39 4.10
CA ILE A 4 17.06 18.92 2.72
C ILE A 4 16.55 20.07 1.85
N ARG A 5 17.40 20.43 0.90
CA ARG A 5 17.14 21.62 0.12
C ARG A 5 16.40 21.21 -1.19
N ILE A 6 15.28 21.89 -1.44
CA ILE A 6 14.40 21.59 -2.52
C ILE A 6 14.26 22.69 -3.51
N GLY A 7 14.25 22.36 -4.79
CA GLY A 7 13.83 23.30 -5.79
C GLY A 7 12.58 22.82 -6.49
N ILE A 8 11.74 23.76 -6.91
CA ILE A 8 10.57 23.47 -7.75
C ILE A 8 10.87 23.88 -9.17
N VAL A 9 10.68 22.99 -10.07
CA VAL A 9 10.56 23.40 -11.49
C VAL A 9 9.18 23.40 -12.00
N GLY A 10 8.70 24.60 -12.30
CA GLY A 10 7.37 24.81 -12.85
C GLY A 10 6.39 25.22 -11.78
N TYR A 11 5.65 26.30 -12.00
CA TYR A 11 4.75 26.77 -10.97
C TYR A 11 3.30 26.77 -11.42
N GLY A 12 2.78 25.55 -11.47
CA GLY A 12 1.41 25.27 -11.82
C GLY A 12 0.74 24.75 -10.57
N ASN A 13 -0.23 23.86 -10.72
CA ASN A 13 -0.97 23.31 -9.51
C ASN A 13 -0.02 22.44 -8.71
N LEU A 14 0.76 21.59 -9.34
CA LEU A 14 1.70 20.75 -8.62
C LEU A 14 2.74 21.61 -7.93
N GLY A 15 3.17 22.68 -8.61
CA GLY A 15 4.15 23.52 -8.04
C GLY A 15 3.66 24.17 -6.80
N ARG A 16 2.41 24.69 -6.85
CA ARG A 16 1.81 25.26 -5.66
C ARG A 16 1.67 24.15 -4.55
N GLY A 17 1.33 22.97 -4.98
CA GLY A 17 1.16 21.80 -4.10
C GLY A 17 2.41 21.48 -3.41
N VAL A 18 3.56 21.61 -4.05
CA VAL A 18 4.84 21.36 -3.40
C VAL A 18 5.18 22.39 -2.39
N GLU A 19 4.86 23.66 -2.66
CA GLU A 19 5.13 24.74 -1.70
C GLU A 19 4.39 24.47 -0.39
N ALA A 20 3.12 24.09 -0.51
CA ALA A 20 2.29 23.72 0.57
C ALA A 20 2.81 22.47 1.32
N ALA A 21 3.16 21.45 0.58
CA ALA A 21 3.79 20.29 1.26
C ALA A 21 5.03 20.55 2.05
N ILE A 22 5.86 21.48 1.53
CA ILE A 22 7.01 21.88 2.27
C ILE A 22 6.62 22.38 3.66
N GLN A 23 5.55 23.15 3.78
CA GLN A 23 5.11 23.63 5.06
C GLN A 23 4.83 22.55 6.08
N GLN A 24 4.58 21.33 5.59
CA GLN A 24 4.25 20.12 6.39
C GLN A 24 5.41 19.26 6.56
N ASN A 25 6.59 19.64 6.11
CA ASN A 25 7.75 18.73 6.13
C ASN A 25 8.97 19.61 6.65
N PRO A 26 8.97 19.86 7.95
CA PRO A 26 10.02 20.79 8.50
C PRO A 26 11.43 20.40 8.35
N ASP A 27 11.76 19.21 7.88
CA ASP A 27 13.13 18.84 7.55
C ASP A 27 13.58 19.28 6.15
N MET A 28 12.65 19.94 5.47
CA MET A 28 12.80 20.43 4.11
C MET A 28 12.74 21.96 4.05
N GLU A 29 13.51 22.54 3.14
CA GLU A 29 13.53 24.02 2.94
C GLU A 29 13.37 24.16 1.45
N LEU A 30 12.53 25.11 1.05
CA LEU A 30 12.35 25.42 -0.38
C LEU A 30 13.40 26.50 -0.72
N VAL A 31 14.15 26.31 -1.81
CA VAL A 31 15.23 27.26 -2.18
C VAL A 31 14.74 28.26 -3.21
N ALA A 32 14.06 27.78 -4.22
CA ALA A 32 13.66 28.61 -5.40
C ALA A 32 12.65 27.87 -6.25
N VAL A 33 11.90 28.63 -7.03
CA VAL A 33 11.05 28.14 -8.05
C VAL A 33 11.67 28.58 -9.38
N PHE A 34 11.66 27.66 -10.35
CA PHE A 34 12.27 27.83 -11.69
C PHE A 34 11.20 27.65 -12.70
N THR A 35 11.02 28.74 -13.52
CA THR A 35 9.89 28.90 -14.36
C THR A 35 10.47 29.21 -15.81
N ARG A 36 9.66 28.90 -16.82
CA ARG A 36 9.97 29.16 -18.25
C ARG A 36 9.44 30.55 -18.59
N ARG A 37 8.52 31.08 -17.79
CA ARG A 37 7.94 32.44 -17.95
C ARG A 37 8.93 33.50 -17.43
N ASP A 38 8.75 34.79 -17.76
CA ASP A 38 9.70 35.75 -17.27
C ASP A 38 9.59 35.77 -15.72
N PRO A 39 10.63 35.47 -14.96
CA PRO A 39 10.49 35.47 -13.48
C PRO A 39 10.21 36.84 -12.83
N LYS A 40 10.53 37.95 -13.51
CA LYS A 40 10.25 39.28 -12.99
C LYS A 40 8.74 39.35 -12.85
N THR A 41 8.03 38.55 -13.65
CA THR A 41 6.59 38.48 -13.76
C THR A 41 5.79 37.39 -13.05
N VAL A 42 6.43 36.46 -12.35
CA VAL A 42 5.73 35.39 -11.67
C VAL A 42 5.88 35.59 -10.13
N ALA A 43 4.73 35.48 -9.46
CA ALA A 43 4.70 35.69 -7.99
C ALA A 43 4.57 34.28 -7.45
N VAL A 44 5.29 33.95 -6.35
CA VAL A 44 5.01 32.62 -5.71
C VAL A 44 4.55 32.83 -4.28
N LYS A 45 3.56 32.02 -3.86
CA LYS A 45 2.99 32.18 -2.51
C LYS A 45 4.06 32.15 -1.38
N SER A 46 5.04 31.27 -1.51
CA SER A 46 6.13 31.14 -0.50
C SER A 46 7.16 32.29 -0.46
N ASN A 47 7.09 33.19 -1.47
CA ASN A 47 8.10 34.28 -1.54
C ASN A 47 9.55 33.89 -1.46
N VAL A 48 9.85 32.74 -1.97
CA VAL A 48 11.28 32.38 -2.32
C VAL A 48 11.66 32.91 -3.67
N LYS A 49 12.91 32.71 -3.98
CA LYS A 49 13.54 33.26 -5.19
C LYS A 49 12.83 32.64 -6.40
N VAL A 50 12.38 33.51 -7.29
CA VAL A 50 11.80 33.05 -8.54
C VAL A 50 12.79 33.29 -9.66
N LEU A 51 13.19 32.20 -10.31
CA LEU A 51 14.29 32.21 -11.30
C LEU A 51 13.88 31.54 -12.61
N HIS A 52 14.53 31.97 -13.70
CA HIS A 52 14.34 31.31 -14.94
C HIS A 52 15.02 29.98 -14.94
N VAL A 53 14.38 29.01 -15.66
CA VAL A 53 15.03 27.65 -15.81
C VAL A 53 16.53 27.65 -16.25
N ASP A 54 16.97 28.66 -17.00
CA ASP A 54 18.38 28.78 -17.36
C ASP A 54 19.32 29.06 -16.24
N ASP A 55 18.85 29.57 -15.10
CA ASP A 55 19.72 29.73 -13.93
C ASP A 55 19.88 28.46 -13.11
N ALA A 56 19.09 27.43 -13.42
CA ALA A 56 19.13 26.27 -12.57
C ALA A 56 20.43 25.60 -12.44
N GLN A 57 21.15 25.42 -13.53
CA GLN A 57 22.45 24.75 -13.40
C GLN A 57 23.38 25.44 -12.36
N SER A 58 23.36 26.80 -12.23
CA SER A 58 24.19 27.49 -11.27
C SER A 58 23.79 27.28 -9.84
N TYR A 59 22.68 26.56 -9.63
CA TYR A 59 22.19 26.16 -8.33
C TYR A 59 22.53 24.70 -7.99
N LYS A 60 23.39 24.06 -8.75
CA LYS A 60 23.75 22.68 -8.51
C LYS A 60 24.31 22.34 -7.12
N ASP A 61 25.00 23.25 -6.50
CA ASP A 61 25.48 22.97 -5.17
C ASP A 61 24.55 23.48 -4.05
N GLU A 62 23.44 24.08 -4.42
CA GLU A 62 22.50 24.72 -3.51
C GLU A 62 21.16 23.94 -3.27
N ILE A 63 20.95 22.93 -4.08
CA ILE A 63 19.67 22.19 -4.12
C ILE A 63 20.03 20.71 -4.12
N ASP A 64 19.42 20.01 -3.16
CA ASP A 64 19.57 18.55 -2.99
C ASP A 64 18.67 17.76 -3.96
N VAL A 65 17.41 18.20 -4.09
CA VAL A 65 16.41 17.51 -4.96
C VAL A 65 15.51 18.55 -5.66
N MET A 66 15.40 18.39 -6.96
CA MET A 66 14.55 19.21 -7.79
C MET A 66 13.28 18.46 -8.02
N ILE A 67 12.19 19.03 -7.60
CA ILE A 67 10.88 18.44 -7.91
C ILE A 67 10.25 19.02 -9.14
N LEU A 68 10.02 18.19 -10.17
CA LEU A 68 9.68 18.65 -11.49
C LEU A 68 8.19 18.60 -11.51
N CYS A 69 7.57 19.78 -11.50
CA CYS A 69 6.11 19.88 -11.46
C CYS A 69 5.37 20.21 -12.81
N GLY A 70 6.12 19.99 -13.91
CA GLY A 70 5.60 20.11 -15.23
C GLY A 70 4.67 19.04 -15.72
N GLY A 71 3.95 19.40 -16.80
CA GLY A 71 2.99 18.55 -17.43
C GLY A 71 3.66 17.29 -18.05
N SER A 72 2.99 16.15 -18.01
CA SER A 72 3.48 14.92 -18.62
C SER A 72 3.54 14.88 -20.20
N ALA A 73 2.65 15.59 -20.89
CA ALA A 73 2.50 15.47 -22.36
C ALA A 73 3.71 16.06 -22.95
N THR A 74 4.02 17.29 -22.61
CA THR A 74 5.11 17.96 -23.28
C THR A 74 6.25 18.48 -22.37
N ASP A 75 5.99 18.84 -21.11
CA ASP A 75 6.99 19.53 -20.33
C ASP A 75 8.07 18.47 -19.86
N LEU A 76 7.59 17.43 -19.21
CA LEU A 76 8.47 16.43 -18.63
C LEU A 76 9.40 15.67 -19.58
N PRO A 77 8.88 15.30 -20.77
CA PRO A 77 9.82 14.64 -21.72
C PRO A 77 11.13 15.36 -21.92
N GLU A 78 11.13 16.68 -21.99
CA GLU A 78 12.33 17.48 -22.05
C GLU A 78 12.99 17.76 -20.67
N GLN A 79 12.17 18.13 -19.70
CA GLN A 79 12.64 18.70 -18.42
C GLN A 79 13.18 17.58 -17.52
N GLY A 80 12.57 16.42 -17.65
CA GLY A 80 13.08 15.29 -16.81
C GLY A 80 14.52 14.93 -17.07
N PRO A 81 14.80 14.56 -18.36
CA PRO A 81 16.20 14.35 -18.74
C PRO A 81 17.15 15.52 -18.56
N TYR A 82 16.69 16.74 -18.84
CA TYR A 82 17.48 17.85 -18.61
C TYR A 82 17.91 18.13 -17.21
N PHE A 83 16.92 18.11 -16.31
CA PHE A 83 17.28 18.35 -14.89
C PHE A 83 18.03 17.21 -14.17
N ALA A 84 17.86 16.02 -14.66
CA ALA A 84 18.63 14.87 -14.10
C ALA A 84 20.09 14.87 -14.47
N GLN A 85 20.50 15.73 -15.40
CA GLN A 85 21.89 15.97 -15.64
C GLN A 85 22.59 16.70 -14.47
N TYR A 86 21.84 17.47 -13.68
CA TYR A 86 22.35 18.42 -12.67
C TYR A 86 21.88 18.21 -11.20
N PHE A 87 20.74 17.49 -11.01
CA PHE A 87 20.16 17.35 -9.71
C PHE A 87 19.55 15.93 -9.62
N ASN A 88 19.43 15.44 -8.40
CA ASN A 88 18.47 14.43 -8.03
C ASN A 88 17.11 14.97 -8.32
N THR A 89 16.17 14.16 -8.83
CA THR A 89 14.88 14.76 -9.29
C THR A 89 13.73 13.81 -8.90
N ILE A 90 12.54 14.39 -8.85
CA ILE A 90 11.30 13.71 -8.66
C ILE A 90 10.36 14.26 -9.66
N ASP A 91 9.53 13.41 -10.23
CA ASP A 91 8.46 13.96 -11.11
C ASP A 91 7.23 13.06 -11.07
N SER A 92 6.16 13.54 -11.63
CA SER A 92 4.86 12.84 -11.65
C SER A 92 4.45 12.21 -12.93
N PHE A 93 5.45 11.93 -13.79
CA PHE A 93 5.17 11.53 -15.19
C PHE A 93 4.09 10.43 -15.28
N ALA A 94 2.98 10.77 -15.91
CA ALA A 94 1.79 9.98 -15.81
C ALA A 94 1.27 9.22 -17.04
N THR A 95 1.97 9.34 -18.17
CA THR A 95 1.45 8.73 -19.37
C THR A 95 1.99 7.33 -19.31
N HIS A 96 1.13 6.44 -18.90
CA HIS A 96 1.56 5.04 -18.72
C HIS A 96 2.26 4.35 -19.94
N ALA A 97 1.70 4.55 -21.10
CA ALA A 97 2.29 3.99 -22.27
C ALA A 97 3.67 4.45 -22.58
N ARG A 98 4.02 5.69 -22.21
CA ARG A 98 5.31 6.19 -22.46
C ARG A 98 6.26 6.01 -21.29
N ILE A 99 5.84 5.33 -20.22
CA ILE A 99 6.76 5.14 -19.07
C ILE A 99 8.05 4.51 -19.43
N PRO A 100 8.01 3.47 -20.27
CA PRO A 100 9.30 2.82 -20.58
C PRO A 100 10.31 3.67 -21.31
N ASP A 101 9.83 4.45 -22.28
CA ASP A 101 10.68 5.39 -22.99
C ASP A 101 11.16 6.53 -22.07
N TYR A 102 10.28 7.02 -21.19
CA TYR A 102 10.63 8.10 -20.35
C TYR A 102 11.66 7.64 -19.35
N PHE A 103 11.45 6.50 -18.72
CA PHE A 103 12.44 5.90 -17.87
C PHE A 103 13.75 5.82 -18.52
N ASP A 104 13.81 5.28 -19.73
CA ASP A 104 15.10 5.10 -20.38
C ASP A 104 15.85 6.45 -20.58
N ALA A 105 15.05 7.46 -20.98
CA ALA A 105 15.63 8.75 -21.19
C ALA A 105 16.17 9.39 -19.97
N VAL A 106 15.36 9.36 -18.88
CA VAL A 106 15.78 9.87 -17.59
C VAL A 106 16.99 9.11 -17.09
N ASN A 107 16.90 7.80 -17.15
CA ASN A 107 17.97 6.91 -16.68
C ASN A 107 19.32 7.24 -17.29
N ALA A 108 19.34 7.44 -18.63
CA ALA A 108 20.57 7.78 -19.31
C ALA A 108 21.21 8.97 -18.68
N ALA A 109 20.38 10.00 -18.54
CA ALA A 109 20.85 11.22 -17.90
C ALA A 109 21.35 11.08 -16.51
N ALA A 110 20.58 10.35 -15.70
CA ALA A 110 20.91 10.22 -14.30
C ALA A 110 22.15 9.28 -14.03
N GLU A 111 22.32 8.23 -14.83
CA GLU A 111 23.48 7.43 -14.73
C GLU A 111 24.72 8.22 -15.18
N GLN A 112 24.52 9.13 -16.13
CA GLN A 112 25.72 9.85 -16.64
C GLN A 112 26.22 10.86 -15.54
N SER A 113 25.26 11.39 -14.78
CA SER A 113 25.48 12.41 -13.80
C SER A 113 25.71 11.93 -12.37
N GLY A 114 25.37 10.67 -12.12
CA GLY A 114 25.39 10.09 -10.80
C GLY A 114 24.33 10.68 -9.87
N LYS A 115 23.16 10.95 -10.40
CA LYS A 115 22.06 11.53 -9.68
C LYS A 115 20.95 10.47 -9.62
N VAL A 116 20.06 10.63 -8.60
CA VAL A 116 18.87 9.78 -8.44
C VAL A 116 17.70 10.55 -8.99
N ALA A 117 16.97 9.88 -9.88
CA ALA A 117 15.77 10.50 -10.50
C ALA A 117 14.58 9.52 -10.25
N ILE A 118 13.63 9.85 -9.41
CA ILE A 118 12.49 9.00 -9.23
C ILE A 118 11.40 9.51 -10.09
N ILE A 119 10.97 8.68 -11.02
CA ILE A 119 9.97 9.13 -12.00
C ILE A 119 8.59 8.72 -11.57
N SER A 120 7.54 9.32 -12.05
CA SER A 120 6.18 8.77 -12.02
C SER A 120 5.73 8.54 -10.56
N VAL A 121 5.94 9.57 -9.79
CA VAL A 121 5.43 9.60 -8.46
C VAL A 121 4.14 10.27 -8.46
N GLY A 122 3.21 9.70 -7.69
CA GLY A 122 1.86 10.22 -7.58
C GLY A 122 0.88 9.10 -7.31
N TRP A 123 -0.42 9.40 -7.22
CA TRP A 123 -1.40 8.32 -6.98
C TRP A 123 -1.53 7.29 -8.12
N ASP A 124 -1.54 7.76 -9.37
CA ASP A 124 -1.57 6.87 -10.45
C ASP A 124 -0.98 7.42 -11.69
N PRO A 125 0.23 7.12 -11.98
CA PRO A 125 1.17 6.10 -11.36
C PRO A 125 1.59 6.64 -9.97
N GLY A 126 2.04 5.66 -9.20
CA GLY A 126 2.53 5.90 -7.82
C GLY A 126 1.85 4.95 -6.85
N LEU A 127 1.06 5.51 -5.97
CA LEU A 127 0.48 4.72 -4.94
C LEU A 127 -0.42 3.60 -5.46
N PHE A 128 -1.30 3.85 -6.42
CA PHE A 128 -2.13 2.77 -7.04
C PHE A 128 -1.23 1.66 -7.63
N SER A 129 -0.13 2.05 -8.23
CA SER A 129 0.83 1.07 -8.81
C SER A 129 1.39 0.14 -7.79
N LEU A 130 1.83 0.76 -6.68
CA LEU A 130 2.35 -0.07 -5.60
C LEU A 130 1.29 -1.10 -5.15
N ASN A 131 0.04 -0.69 -5.05
CA ASN A 131 -1.08 -1.59 -4.65
C ASN A 131 -1.41 -2.69 -5.68
N ARG A 132 -1.32 -2.33 -6.98
CA ARG A 132 -1.44 -3.36 -8.09
C ARG A 132 -0.34 -4.40 -7.88
N LEU A 133 0.88 -3.93 -7.65
CA LEU A 133 2.03 -4.86 -7.52
C LEU A 133 1.85 -5.69 -6.29
N LEU A 134 1.62 -5.04 -5.14
CA LEU A 134 1.46 -5.82 -3.86
C LEU A 134 0.37 -6.87 -3.99
N GLY A 135 -0.75 -6.50 -4.57
CA GLY A 135 -1.86 -7.45 -4.80
C GLY A 135 -1.46 -8.69 -5.55
N GLU A 136 -0.82 -8.53 -6.70
CA GLU A 136 -0.44 -9.70 -7.48
C GLU A 136 0.62 -10.56 -6.82
N VAL A 137 1.49 -9.97 -6.00
CA VAL A 137 2.51 -10.87 -5.32
C VAL A 137 1.97 -11.54 -4.11
N VAL A 138 1.13 -10.84 -3.33
CA VAL A 138 0.61 -11.48 -2.16
C VAL A 138 -0.51 -12.52 -2.55
N LEU A 139 -1.25 -12.20 -3.60
CA LEU A 139 -2.33 -13.06 -4.07
C LEU A 139 -2.11 -13.31 -5.56
N PRO A 140 -1.22 -14.24 -5.87
CA PRO A 140 -0.90 -14.51 -7.26
C PRO A 140 -2.04 -15.09 -8.07
N VAL A 141 -3.04 -15.68 -7.43
CA VAL A 141 -4.14 -16.23 -8.18
C VAL A 141 -5.23 -15.24 -7.85
N GLY A 142 -5.63 -14.45 -8.84
CA GLY A 142 -6.61 -13.50 -8.56
C GLY A 142 -6.74 -12.56 -9.71
N ASN A 143 -7.53 -11.42 -9.55
CA ASN A 143 -7.67 -10.38 -10.52
C ASN A 143 -7.55 -9.03 -9.78
N THR A 144 -7.03 -8.03 -10.48
CA THR A 144 -6.92 -6.67 -9.97
C THR A 144 -7.85 -5.75 -10.74
N TYR A 145 -8.48 -4.81 -10.05
CA TYR A 145 -9.32 -3.85 -10.71
C TYR A 145 -8.98 -2.45 -10.22
N THR A 146 -8.66 -1.52 -11.11
CA THR A 146 -8.47 -0.20 -10.76
C THR A 146 -9.65 0.63 -11.31
N PHE A 147 -10.11 1.47 -10.43
CA PHE A 147 -11.20 2.43 -10.72
C PHE A 147 -10.70 3.84 -10.48
N TRP A 148 -11.04 4.77 -11.36
CA TRP A 148 -10.58 6.15 -11.22
C TRP A 148 -11.68 7.20 -11.02
N GLY A 149 -11.47 8.09 -10.06
CA GLY A 149 -12.42 9.18 -9.81
C GLY A 149 -13.15 9.03 -8.48
N LYS A 150 -14.19 9.83 -8.21
CA LYS A 150 -14.64 10.88 -9.09
C LYS A 150 -13.61 11.97 -9.24
N GLY A 151 -13.42 12.42 -10.48
CA GLY A 151 -12.49 13.47 -10.76
C GLY A 151 -12.69 14.03 -12.15
N VAL A 152 -12.12 15.20 -12.43
CA VAL A 152 -12.31 15.79 -13.71
C VAL A 152 -11.44 15.14 -14.76
N SER A 153 -12.00 14.91 -15.93
CA SER A 153 -11.15 14.45 -17.00
C SER A 153 -10.95 15.66 -17.92
N LEU A 154 -9.78 16.30 -17.87
CA LEU A 154 -9.51 17.43 -18.79
C LEU A 154 -9.67 17.15 -20.29
N GLY A 155 -9.34 15.96 -20.75
CA GLY A 155 -9.45 15.60 -22.15
C GLY A 155 -10.93 15.49 -22.51
N HIS A 156 -11.79 14.96 -21.64
CA HIS A 156 -13.26 14.91 -21.98
C HIS A 156 -13.85 16.29 -21.88
N SER A 157 -13.39 17.07 -20.87
CA SER A 157 -13.89 18.45 -20.78
C SER A 157 -13.50 19.17 -21.99
N GLY A 158 -12.25 19.07 -22.48
CA GLY A 158 -11.95 19.86 -23.72
C GLY A 158 -12.72 19.41 -24.92
N ALA A 159 -13.03 18.11 -25.08
CA ALA A 159 -13.84 17.62 -26.23
C ALA A 159 -15.21 18.19 -26.18
N ILE A 160 -15.81 18.38 -25.02
CA ILE A 160 -17.11 19.05 -24.90
C ILE A 160 -17.00 20.48 -25.28
N ARG A 161 -15.97 21.15 -24.81
CA ARG A 161 -15.80 22.56 -25.11
C ARG A 161 -15.72 22.83 -26.62
N ARG A 162 -15.18 21.88 -27.38
CA ARG A 162 -15.05 22.04 -28.78
C ARG A 162 -16.36 21.94 -29.50
N ILE A 163 -17.51 21.57 -28.85
CA ILE A 163 -18.76 21.40 -29.53
C ILE A 163 -19.37 22.79 -29.77
N GLN A 164 -19.77 23.09 -31.00
CA GLN A 164 -20.50 24.33 -31.21
C GLN A 164 -21.73 24.45 -30.29
N GLY A 165 -21.88 25.62 -29.71
CA GLY A 165 -22.95 25.89 -28.75
C GLY A 165 -22.54 25.72 -27.27
N VAL A 166 -21.31 25.25 -27.00
CA VAL A 166 -20.80 25.17 -25.67
C VAL A 166 -19.93 26.37 -25.40
N LYS A 167 -20.19 27.02 -24.27
CA LYS A 167 -19.31 28.05 -23.72
C LYS A 167 -18.26 27.58 -22.81
N ASN A 168 -18.56 26.56 -21.98
CA ASN A 168 -17.59 26.05 -21.00
C ASN A 168 -18.13 24.75 -20.48
N ALA A 169 -17.27 23.87 -19.90
CA ALA A 169 -17.71 22.58 -19.48
C ALA A 169 -16.73 21.97 -18.57
N VAL A 170 -17.25 21.12 -17.65
CA VAL A 170 -16.42 20.28 -16.75
C VAL A 170 -17.01 18.92 -16.88
N GLN A 171 -16.14 17.91 -17.14
CA GLN A 171 -16.63 16.53 -17.23
C GLN A 171 -15.97 15.73 -16.13
N TYR A 172 -16.71 14.78 -15.55
CA TYR A 172 -16.21 13.89 -14.49
C TYR A 172 -16.32 12.36 -14.75
N ILE A 173 -15.27 11.62 -14.42
CA ILE A 173 -15.24 10.22 -14.45
C ILE A 173 -15.54 9.73 -13.05
N ILE A 174 -16.49 8.79 -12.95
CA ILE A 174 -16.98 8.32 -11.64
C ILE A 174 -17.03 6.81 -11.55
N PRO A 175 -16.34 6.25 -10.55
CA PRO A 175 -16.56 4.83 -10.47
C PRO A 175 -17.99 4.37 -10.23
N ILE A 176 -18.37 3.22 -10.78
CA ILE A 176 -19.72 2.68 -10.66
C ILE A 176 -19.76 1.81 -9.40
N ASP A 177 -20.47 2.31 -8.37
CA ASP A 177 -20.55 1.59 -7.09
C ASP A 177 -20.95 0.14 -7.20
N GLU A 178 -21.93 -0.21 -8.05
CA GLU A 178 -22.28 -1.60 -8.17
C GLU A 178 -21.09 -2.44 -8.62
N ALA A 179 -20.24 -1.88 -9.49
CA ALA A 179 -19.11 -2.72 -9.99
C ALA A 179 -18.11 -2.85 -8.88
N VAL A 180 -17.82 -1.77 -8.19
CA VAL A 180 -16.93 -1.85 -7.01
C VAL A 180 -17.42 -2.93 -6.09
N ASN A 181 -18.67 -2.90 -5.84
CA ASN A 181 -19.22 -3.98 -4.94
C ASN A 181 -19.15 -5.39 -5.42
N ARG A 182 -19.28 -5.60 -6.73
CA ARG A 182 -19.11 -6.94 -7.26
C ARG A 182 -17.68 -7.45 -7.03
N VAL A 183 -16.70 -6.58 -7.24
CA VAL A 183 -15.32 -6.92 -7.03
C VAL A 183 -15.04 -7.26 -5.60
N ARG A 184 -15.54 -6.46 -4.68
CA ARG A 184 -15.41 -6.79 -3.21
C ARG A 184 -16.07 -8.08 -2.80
N SER A 185 -17.04 -8.54 -3.55
CA SER A 185 -17.74 -9.79 -3.23
C SER A 185 -16.95 -11.11 -3.62
N GLY A 186 -15.83 -11.00 -4.37
CA GLY A 186 -15.10 -12.16 -4.97
C GLY A 186 -15.63 -12.86 -6.15
N GLU A 187 -16.56 -12.25 -6.90
CA GLU A 187 -17.11 -12.88 -8.05
C GLU A 187 -16.11 -12.92 -9.24
N ASN A 188 -15.27 -11.94 -9.27
CA ASN A 188 -14.21 -11.76 -10.31
C ASN A 188 -14.72 -11.67 -11.73
N PRO A 189 -15.70 -10.81 -12.04
CA PRO A 189 -16.13 -10.60 -13.39
C PRO A 189 -15.04 -10.01 -14.23
N GLU A 190 -15.19 -10.03 -15.55
CA GLU A 190 -14.28 -9.23 -16.37
C GLU A 190 -14.96 -7.84 -16.44
N LEU A 191 -14.25 -6.74 -16.15
CA LEU A 191 -14.84 -5.34 -16.23
C LEU A 191 -13.96 -4.52 -17.04
N SER A 192 -14.59 -3.95 -18.13
CA SER A 192 -14.00 -2.90 -18.92
C SER A 192 -14.12 -1.51 -18.26
N THR A 193 -13.50 -0.57 -18.89
CA THR A 193 -13.59 0.78 -18.41
C THR A 193 -15.00 1.29 -18.48
N ARG A 194 -15.76 0.83 -19.47
CA ARG A 194 -17.17 1.18 -19.59
C ARG A 194 -17.99 0.61 -18.42
N GLU A 195 -17.66 -0.62 -17.99
CA GLU A 195 -18.34 -1.28 -16.85
C GLU A 195 -17.94 -0.74 -15.54
N LYS A 196 -16.82 -0.02 -15.46
CA LYS A 196 -16.30 0.54 -14.25
C LYS A 196 -16.60 2.00 -13.97
N HIS A 197 -16.91 2.79 -14.97
CA HIS A 197 -17.03 4.18 -14.76
C HIS A 197 -18.29 4.71 -15.49
N ALA A 198 -18.87 5.74 -14.87
CA ALA A 198 -19.88 6.54 -15.53
C ALA A 198 -19.28 7.93 -15.77
N MET A 199 -19.91 8.71 -16.65
CA MET A 199 -19.42 10.01 -16.98
C MET A 199 -20.52 10.99 -16.61
N GLU A 200 -20.11 12.11 -16.10
CA GLU A 200 -21.11 13.20 -15.80
C GLU A 200 -20.55 14.56 -16.30
N CYS A 201 -21.38 15.31 -16.99
CA CYS A 201 -20.88 16.49 -17.63
C CYS A 201 -21.69 17.69 -17.16
N PHE A 202 -20.97 18.75 -16.78
CA PHE A 202 -21.62 20.04 -16.44
C PHE A 202 -21.30 21.06 -17.52
N VAL A 203 -22.28 21.53 -18.22
CA VAL A 203 -22.07 22.24 -19.42
C VAL A 203 -22.78 23.62 -19.47
N VAL A 204 -22.05 24.66 -19.86
CA VAL A 204 -22.67 26.02 -20.00
C VAL A 204 -22.89 26.28 -21.46
N LEU A 205 -24.15 26.44 -21.84
CA LEU A 205 -24.46 26.78 -23.23
C LEU A 205 -24.04 28.24 -23.56
N GLU A 206 -23.70 28.40 -24.85
CA GLU A 206 -23.62 29.77 -25.43
C GLU A 206 -25.02 30.26 -25.55
N GLU A 207 -25.22 31.58 -25.54
CA GLU A 207 -26.57 32.15 -25.72
C GLU A 207 -27.24 31.67 -26.98
N GLY A 208 -28.47 31.20 -26.81
CA GLY A 208 -29.30 30.77 -27.91
C GLY A 208 -28.92 29.41 -28.43
N ALA A 209 -28.02 28.71 -27.74
CA ALA A 209 -27.69 27.39 -28.30
C ALA A 209 -28.82 26.38 -27.99
N ASP A 210 -28.90 25.33 -28.79
CA ASP A 210 -29.94 24.35 -28.72
C ASP A 210 -29.45 23.25 -27.82
N PRO A 211 -30.01 23.15 -26.63
CA PRO A 211 -29.53 22.12 -25.67
C PRO A 211 -29.73 20.69 -26.17
N ALA A 212 -30.73 20.47 -26.99
CA ALA A 212 -30.92 19.07 -27.52
C ALA A 212 -29.75 18.66 -28.45
N LYS A 213 -29.28 19.58 -29.28
CA LYS A 213 -28.29 19.36 -30.24
C LYS A 213 -26.98 19.16 -29.55
N VAL A 214 -26.65 19.99 -28.57
CA VAL A 214 -25.41 19.90 -27.85
C VAL A 214 -25.39 18.59 -27.14
N GLU A 215 -26.46 18.26 -26.40
CA GLU A 215 -26.50 17.01 -25.59
C GLU A 215 -26.38 15.85 -26.53
N HIS A 216 -26.99 15.91 -27.69
CA HIS A 216 -26.81 14.86 -28.75
C HIS A 216 -25.35 14.68 -29.17
N GLU A 217 -24.66 15.80 -29.51
CA GLU A 217 -23.30 15.75 -29.92
C GLU A 217 -22.47 15.17 -28.79
N ILE A 218 -22.78 15.47 -27.52
CA ILE A 218 -21.92 14.93 -26.43
C ILE A 218 -22.19 13.47 -26.35
N LYS A 219 -23.46 13.09 -26.26
CA LYS A 219 -23.66 11.62 -25.98
C LYS A 219 -23.32 10.63 -27.11
N THR A 220 -23.24 11.12 -28.32
CA THR A 220 -22.88 10.37 -29.49
C THR A 220 -21.45 10.49 -29.87
N MET A 221 -20.59 11.08 -29.07
CA MET A 221 -19.23 11.35 -29.53
C MET A 221 -18.41 10.10 -29.53
N PRO A 222 -17.90 9.69 -30.68
CA PRO A 222 -17.12 8.45 -30.72
C PRO A 222 -15.86 8.51 -29.87
N ASN A 223 -15.53 7.39 -29.25
CA ASN A 223 -14.38 7.29 -28.37
C ASN A 223 -14.62 7.91 -27.00
N PHE A 224 -14.96 9.18 -26.97
CA PHE A 224 -15.17 9.89 -25.71
C PHE A 224 -16.36 9.53 -24.81
N PHE A 225 -17.53 9.39 -25.40
CA PHE A 225 -18.77 9.17 -24.59
C PHE A 225 -19.70 8.12 -25.05
N ASP A 226 -19.72 7.81 -26.34
CA ASP A 226 -20.79 7.01 -26.92
C ASP A 226 -21.03 5.64 -26.34
N GLU A 227 -20.00 5.09 -25.75
CA GLU A 227 -20.10 3.76 -25.13
C GLU A 227 -20.18 3.78 -23.61
N TYR A 228 -20.26 4.97 -23.04
CA TYR A 228 -20.32 5.12 -21.59
C TYR A 228 -21.58 5.74 -21.05
N ASP A 229 -22.05 5.25 -19.92
CA ASP A 229 -23.21 5.89 -19.25
C ASP A 229 -22.89 7.32 -18.98
N THR A 230 -23.61 8.21 -19.70
CA THR A 230 -23.22 9.61 -19.73
C THR A 230 -24.42 10.51 -19.39
N THR A 231 -24.21 11.35 -18.40
CA THR A 231 -25.27 12.28 -17.89
C THR A 231 -24.81 13.69 -18.20
N VAL A 232 -25.72 14.51 -18.72
CA VAL A 232 -25.38 15.85 -19.13
C VAL A 232 -26.34 16.85 -18.42
N HIS A 233 -25.72 17.79 -17.75
CA HIS A 233 -26.38 18.79 -16.89
C HIS A 233 -26.07 20.18 -17.52
N PHE A 234 -27.06 20.96 -17.83
CA PHE A 234 -26.79 22.26 -18.44
C PHE A 234 -26.95 23.26 -17.34
N ILE A 235 -25.88 24.05 -17.10
CA ILE A 235 -25.76 24.82 -15.86
C ILE A 235 -25.21 26.21 -16.31
N SER A 236 -25.15 27.06 -15.35
CA SER A 236 -24.61 28.46 -15.62
C SER A 236 -23.11 28.51 -15.29
N GLU A 237 -22.42 29.60 -15.72
CA GLU A 237 -21.04 29.82 -15.35
C GLU A 237 -20.98 29.97 -13.82
N GLU A 238 -21.90 30.69 -13.19
CA GLU A 238 -21.86 30.75 -11.71
C GLU A 238 -21.80 29.40 -11.00
N GLU A 239 -22.58 28.44 -11.49
CA GLU A 239 -22.55 27.09 -10.91
C GLU A 239 -21.25 26.42 -11.16
N LEU A 240 -20.68 26.57 -12.36
CA LEU A 240 -19.42 25.93 -12.65
C LEU A 240 -18.39 26.53 -11.72
N LYS A 241 -18.43 27.85 -11.56
CA LYS A 241 -17.45 28.48 -10.66
C LYS A 241 -17.65 28.12 -9.17
N GLN A 242 -18.86 28.05 -8.72
CA GLN A 242 -19.20 27.78 -7.37
C GLN A 242 -18.84 26.38 -6.99
N ASN A 243 -19.15 25.45 -7.86
CA ASN A 243 -19.13 24.06 -7.38
C ASN A 243 -18.21 23.15 -8.15
N HIS A 244 -17.57 23.61 -9.20
CA HIS A 244 -16.77 22.76 -10.10
C HIS A 244 -15.41 23.38 -10.31
N SER A 245 -14.93 24.17 -9.36
CA SER A 245 -13.60 24.78 -9.47
C SER A 245 -12.55 23.95 -8.74
N GLY A 246 -12.99 23.02 -7.92
CA GLY A 246 -12.08 22.17 -7.17
C GLY A 246 -11.46 21.12 -8.07
N MET A 247 -10.44 20.43 -7.56
CA MET A 247 -9.80 19.39 -8.35
C MET A 247 -9.79 18.13 -7.49
N PRO A 248 -10.98 17.65 -7.17
CA PRO A 248 -11.09 16.43 -6.36
C PRO A 248 -10.69 15.23 -7.18
N ASN A 249 -10.23 14.17 -6.53
CA ASN A 249 -9.86 12.97 -7.25
C ASN A 249 -9.59 11.80 -6.33
N GLY A 250 -9.45 10.63 -6.92
CA GLY A 250 -9.12 9.38 -6.16
C GLY A 250 -9.63 8.19 -6.96
N GLY A 251 -10.13 7.16 -6.26
CA GLY A 251 -10.59 5.95 -6.91
C GLY A 251 -10.24 4.73 -6.08
N PHE A 252 -10.31 3.54 -6.67
CA PHE A 252 -10.02 2.30 -5.95
C PHE A 252 -9.09 1.33 -6.67
N VAL A 253 -8.33 0.58 -5.88
CA VAL A 253 -7.47 -0.48 -6.37
C VAL A 253 -7.94 -1.68 -5.55
N ILE A 254 -8.38 -2.74 -6.23
CA ILE A 254 -8.91 -3.97 -5.52
C ILE A 254 -8.31 -5.21 -6.13
N ARG A 255 -7.67 -6.07 -5.32
CA ARG A 255 -7.23 -7.39 -5.71
C ARG A 255 -8.20 -8.39 -5.04
N SER A 256 -8.83 -9.21 -5.84
CA SER A 256 -9.63 -10.32 -5.36
C SER A 256 -9.01 -11.63 -5.77
N GLY A 257 -8.59 -12.39 -4.82
CA GLY A 257 -7.87 -13.58 -5.08
C GLY A 257 -8.36 -14.75 -4.20
N LYS A 258 -7.72 -15.90 -4.40
CA LYS A 258 -8.05 -17.08 -3.65
C LYS A 258 -6.81 -17.85 -3.23
N SER A 259 -6.83 -18.33 -2.00
CA SER A 259 -5.78 -19.21 -1.48
C SER A 259 -5.87 -20.50 -2.37
N ASP A 260 -4.94 -21.41 -2.20
CA ASP A 260 -4.86 -22.63 -2.99
C ASP A 260 -5.96 -23.53 -2.48
N GLU A 261 -6.46 -23.29 -1.26
CA GLU A 261 -7.58 -24.03 -0.76
C GLU A 261 -8.94 -23.37 -1.11
N GLY A 262 -9.02 -22.21 -1.81
CA GLY A 262 -10.27 -21.73 -2.23
C GLY A 262 -10.87 -20.59 -1.41
N HIS A 263 -10.05 -20.14 -0.44
CA HIS A 263 -10.43 -19.00 0.44
C HIS A 263 -10.46 -17.68 -0.34
N LYS A 264 -11.54 -16.90 -0.29
CA LYS A 264 -11.56 -15.63 -1.00
C LYS A 264 -10.82 -14.59 -0.15
N GLN A 265 -9.85 -13.92 -0.76
CA GLN A 265 -9.08 -12.90 -0.06
C GLN A 265 -9.20 -11.59 -0.83
N ILE A 266 -9.57 -10.52 -0.14
CA ILE A 266 -9.73 -9.22 -0.79
C ILE A 266 -8.81 -8.15 -0.20
N ILE A 267 -8.13 -7.43 -1.09
CA ILE A 267 -7.19 -6.35 -0.71
C ILE A 267 -7.82 -5.18 -1.37
N GLU A 268 -8.10 -4.13 -0.60
CA GLU A 268 -8.66 -2.91 -1.17
C GLU A 268 -7.87 -1.68 -0.76
N PHE A 269 -7.49 -0.87 -1.73
CA PHE A 269 -6.78 0.37 -1.46
C PHE A 269 -7.59 1.48 -2.13
N SER A 270 -7.90 2.53 -1.39
CA SER A 270 -8.70 3.64 -1.99
C SER A 270 -8.19 5.09 -1.57
N LEU A 271 -8.53 6.04 -2.43
CA LEU A 271 -8.18 7.43 -2.22
C LEU A 271 -9.39 8.33 -2.42
N ASN A 272 -9.63 9.23 -1.48
CA ASN A 272 -10.74 10.23 -1.59
C ASN A 272 -10.09 11.58 -1.33
N LEU A 273 -9.85 12.39 -2.40
CA LEU A 273 -8.95 13.56 -2.27
C LEU A 273 -9.80 14.79 -2.60
N GLU A 274 -9.80 15.78 -1.73
CA GLU A 274 -10.41 17.05 -2.04
C GLU A 274 -9.51 17.77 -3.08
N SER A 275 -8.19 17.49 -3.03
CA SER A 275 -7.22 18.11 -3.94
C SER A 275 -6.28 17.11 -4.47
N ASN A 276 -6.45 16.83 -5.76
CA ASN A 276 -5.46 16.06 -6.57
C ASN A 276 -4.03 16.65 -6.56
N PRO A 277 -3.83 17.88 -6.92
CA PRO A 277 -2.46 18.41 -6.96
C PRO A 277 -1.81 18.47 -5.60
N MET A 278 -2.60 18.79 -4.55
CA MET A 278 -2.04 18.91 -3.19
C MET A 278 -1.62 17.51 -2.75
N PHE A 279 -2.44 16.49 -3.03
CA PHE A 279 -2.07 15.10 -2.66
C PHE A 279 -0.85 14.54 -3.41
N THR A 280 -0.82 14.73 -4.73
CA THR A 280 0.27 14.36 -5.57
C THR A 280 1.52 15.03 -5.09
N SER A 281 1.49 16.30 -4.88
CA SER A 281 2.67 17.00 -4.43
C SER A 281 3.18 16.63 -3.03
N SER A 282 2.27 16.26 -2.14
CA SER A 282 2.67 15.81 -0.82
C SER A 282 3.49 14.53 -1.02
N ALA A 283 3.04 13.67 -1.94
CA ALA A 283 3.73 12.42 -2.24
C ALA A 283 5.11 12.70 -2.86
N LEU A 284 5.16 13.65 -3.77
CA LEU A 284 6.44 14.08 -4.42
C LEU A 284 7.51 14.47 -3.37
N VAL A 285 7.08 15.20 -2.32
CA VAL A 285 8.03 15.71 -1.26
C VAL A 285 8.47 14.48 -0.48
N ALA A 286 7.56 13.54 -0.19
CA ALA A 286 8.01 12.40 0.56
C ALA A 286 9.06 11.60 -0.18
N TYR A 287 8.84 11.46 -1.49
CA TYR A 287 9.78 10.75 -2.34
C TYR A 287 11.08 11.54 -2.40
N ALA A 288 10.98 12.86 -2.52
CA ALA A 288 12.22 13.66 -2.42
C ALA A 288 13.15 13.36 -1.26
N ARG A 289 12.53 13.06 -0.11
CA ARG A 289 13.29 12.64 1.04
C ARG A 289 13.98 11.30 0.75
N ALA A 290 13.30 10.37 0.08
CA ALA A 290 13.97 9.10 -0.18
C ALA A 290 15.05 9.25 -1.28
N ALA A 291 14.88 10.19 -2.21
CA ALA A 291 15.90 10.38 -3.33
C ALA A 291 17.17 10.98 -2.68
N TYR A 292 16.97 11.88 -1.71
CA TYR A 292 18.10 12.46 -0.89
C TYR A 292 18.89 11.39 -0.15
N ARG A 293 18.12 10.51 0.48
CA ARG A 293 18.78 9.38 1.18
C ARG A 293 19.57 8.48 0.26
N LEU A 294 18.99 8.12 -0.85
CA LEU A 294 19.60 7.21 -1.79
C LEU A 294 20.91 7.90 -2.36
N SER A 295 20.74 9.16 -2.78
CA SER A 295 21.91 9.95 -3.17
C SER A 295 23.04 9.99 -2.11
N GLN A 296 22.74 10.11 -0.84
CA GLN A 296 23.77 10.18 0.14
C GLN A 296 24.45 8.79 0.29
N ASN A 297 23.74 7.71 -0.06
CA ASN A 297 24.32 6.32 -0.04
C ASN A 297 25.11 5.95 -1.31
N GLY A 298 25.18 6.88 -2.21
CA GLY A 298 25.94 6.76 -3.51
C GLY A 298 25.13 6.10 -4.58
N ASP A 299 23.81 6.07 -4.44
CA ASP A 299 22.98 5.53 -5.52
C ASP A 299 22.86 6.51 -6.65
N LYS A 300 22.42 5.99 -7.79
CA LYS A 300 22.26 6.78 -8.98
C LYS A 300 21.34 6.07 -9.96
N GLY A 301 20.81 6.82 -10.90
CA GLY A 301 19.95 6.26 -11.95
C GLY A 301 18.47 6.56 -11.79
N ALA A 302 17.68 6.21 -12.81
CA ALA A 302 16.27 6.37 -12.71
C ALA A 302 15.69 5.27 -11.77
N LYS A 303 14.68 5.68 -11.00
CA LYS A 303 13.93 4.77 -10.08
C LYS A 303 12.50 5.02 -10.29
N THR A 304 11.69 4.08 -9.88
CA THR A 304 10.31 4.25 -9.69
C THR A 304 9.90 3.89 -8.23
N VAL A 305 8.63 4.02 -7.98
CA VAL A 305 8.06 3.64 -6.67
C VAL A 305 8.34 2.22 -6.30
N PHE A 306 8.53 1.36 -7.34
CA PHE A 306 8.85 -0.02 -7.07
C PHE A 306 10.18 -0.22 -6.53
N ASP A 307 11.05 0.76 -6.62
CA ASP A 307 12.40 0.56 -6.11
C ASP A 307 12.66 1.23 -4.77
N ILE A 308 11.63 1.80 -4.13
CA ILE A 308 11.91 2.63 -3.02
C ILE A 308 11.31 1.98 -1.76
N PRO A 309 12.17 1.60 -0.82
CA PRO A 309 11.71 1.01 0.45
C PRO A 309 10.89 2.08 1.15
N PHE A 310 9.83 1.74 1.87
CA PHE A 310 9.01 2.83 2.48
C PHE A 310 9.71 3.56 3.59
N GLY A 311 10.63 2.87 4.34
CA GLY A 311 11.29 3.55 5.36
C GLY A 311 12.08 4.83 5.04
N LEU A 312 12.54 4.91 3.77
CA LEU A 312 13.31 6.02 3.35
C LEU A 312 12.40 7.20 3.12
N LEU A 313 11.09 6.97 3.05
CA LEU A 313 10.12 8.13 2.89
C LEU A 313 9.95 8.95 4.20
N SER A 314 10.37 8.36 5.31
CA SER A 314 10.03 8.94 6.62
C SER A 314 11.28 9.73 7.19
N PRO A 315 11.03 10.80 7.87
CA PRO A 315 12.13 11.52 8.58
C PRO A 315 12.51 10.75 9.83
N LYS A 316 11.83 9.66 10.14
CA LYS A 316 12.05 8.96 11.41
C LYS A 316 13.16 7.94 11.16
N SER A 317 13.97 7.66 12.16
CA SER A 317 14.94 6.59 12.14
C SER A 317 14.34 5.22 11.91
N PRO A 318 15.12 4.32 11.34
CA PRO A 318 14.59 2.98 11.09
C PRO A 318 14.14 2.38 12.42
N GLU A 319 14.90 2.62 13.48
CA GLU A 319 14.56 2.13 14.82
C GLU A 319 13.24 2.66 15.37
N ASP A 320 13.04 3.95 15.04
CA ASP A 320 11.84 4.57 15.59
C ASP A 320 10.66 4.06 14.82
N LEU A 321 10.84 3.80 13.54
CA LEU A 321 9.73 3.21 12.76
C LEU A 321 9.32 1.89 13.21
N ARG A 322 10.26 1.04 13.59
CA ARG A 322 9.92 -0.29 14.07
C ARG A 322 9.12 -0.18 15.37
N LYS A 323 9.50 0.81 16.17
CA LYS A 323 8.89 1.06 17.46
C LYS A 323 7.52 1.69 17.39
N GLU A 324 7.34 2.59 16.42
CA GLU A 324 6.11 3.34 16.36
C GLU A 324 5.05 2.76 15.41
N LEU A 325 5.49 2.25 14.26
CA LEU A 325 4.57 1.94 13.17
C LEU A 325 4.48 0.53 12.76
N LEU A 326 5.45 -0.36 13.15
CA LEU A 326 5.44 -1.68 12.65
C LEU A 326 4.42 -2.53 13.38
N SER B 2 17.00 -21.69 -11.89
CA SER B 2 16.63 -22.78 -10.97
C SER B 2 15.73 -22.13 -9.93
N LYS B 3 15.01 -23.00 -9.29
CA LYS B 3 13.98 -22.55 -8.38
C LYS B 3 14.56 -22.09 -7.07
N ILE B 4 13.82 -21.18 -6.41
CA ILE B 4 14.14 -20.76 -5.06
C ILE B 4 13.76 -21.86 -4.08
N ARG B 5 14.72 -22.39 -3.26
CA ARG B 5 14.51 -23.52 -2.46
C ARG B 5 14.04 -23.05 -1.04
N ILE B 6 12.81 -23.43 -0.70
CA ILE B 6 12.19 -23.05 0.55
C ILE B 6 12.11 -24.17 1.52
N GLY B 7 12.36 -23.87 2.76
CA GLY B 7 12.15 -24.76 3.89
C GLY B 7 11.16 -24.18 4.87
N ILE B 8 10.23 -24.99 5.38
CA ILE B 8 9.26 -24.58 6.41
C ILE B 8 9.68 -24.94 7.76
N VAL B 9 9.59 -24.08 8.75
CA VAL B 9 9.92 -24.51 10.08
C VAL B 9 8.65 -24.39 10.90
N GLY B 10 8.07 -25.53 11.27
CA GLY B 10 6.86 -25.55 12.08
C GLY B 10 5.61 -25.81 11.28
N TYR B 11 5.02 -26.99 11.48
CA TYR B 11 3.81 -27.36 10.76
C TYR B 11 2.48 -27.10 11.50
N GLY B 12 2.11 -25.83 11.58
CA GLY B 12 0.88 -25.37 12.21
C GLY B 12 0.06 -24.69 11.14
N ASN B 13 -0.81 -23.78 11.51
CA ASN B 13 -1.64 -23.10 10.48
C ASN B 13 -0.84 -22.42 9.43
N LEU B 14 0.17 -21.65 9.84
CA LEU B 14 1.00 -20.98 8.90
C LEU B 14 1.78 -21.89 8.09
N GLY B 15 2.32 -22.93 8.72
CA GLY B 15 3.04 -23.90 7.93
C GLY B 15 2.21 -24.59 6.80
N ARG B 16 0.98 -24.95 7.07
CA ARG B 16 0.07 -25.46 6.00
C ARG B 16 -0.16 -24.38 5.01
N GLY B 17 -0.26 -23.17 5.53
CA GLY B 17 -0.48 -22.01 4.66
C GLY B 17 0.66 -21.66 3.71
N VAL B 18 1.92 -22.01 4.12
CA VAL B 18 3.04 -21.77 3.25
C VAL B 18 3.07 -22.79 2.12
N GLU B 19 2.84 -24.07 2.55
CA GLU B 19 2.65 -25.17 1.61
C GLU B 19 1.70 -24.88 0.45
N ALA B 20 0.58 -24.26 0.82
CA ALA B 20 -0.45 -23.96 -0.10
C ALA B 20 0.09 -22.81 -0.95
N ALA B 21 0.73 -21.79 -0.34
CA ALA B 21 1.17 -20.65 -1.10
C ALA B 21 2.32 -21.00 -2.13
N ILE B 22 3.14 -21.99 -1.80
CA ILE B 22 4.15 -22.49 -2.68
C ILE B 22 3.53 -23.01 -3.97
N GLN B 23 2.35 -23.61 -3.88
CA GLN B 23 1.71 -24.10 -5.09
C GLN B 23 1.47 -22.93 -6.05
N GLN B 24 1.16 -21.77 -5.49
CA GLN B 24 0.89 -20.54 -6.25
C GLN B 24 2.07 -19.77 -6.78
N ASN B 25 3.28 -20.19 -6.53
CA ASN B 25 4.56 -19.47 -6.75
C ASN B 25 5.47 -20.51 -7.42
N PRO B 26 5.34 -20.64 -8.72
CA PRO B 26 6.06 -21.71 -9.43
C PRO B 26 7.55 -21.47 -9.56
N ASP B 27 8.09 -20.35 -9.17
CA ASP B 27 9.47 -20.15 -9.09
C ASP B 27 10.09 -20.72 -7.82
N MET B 28 9.27 -21.33 -6.97
CA MET B 28 9.75 -21.84 -5.71
C MET B 28 9.47 -23.32 -5.55
N GLU B 29 10.37 -23.97 -4.82
CA GLU B 29 10.25 -25.35 -4.58
C GLU B 29 10.36 -25.51 -3.05
N LEU B 30 9.45 -26.30 -2.51
CA LEU B 30 9.51 -26.68 -1.09
C LEU B 30 10.38 -27.97 -0.84
N VAL B 31 11.44 -27.80 -0.12
CA VAL B 31 12.49 -28.83 0.06
C VAL B 31 12.14 -29.70 1.22
N ALA B 32 11.70 -29.12 2.36
CA ALA B 32 11.40 -29.91 3.55
C ALA B 32 10.60 -29.09 4.57
N VAL B 33 9.91 -29.82 5.49
CA VAL B 33 9.24 -29.28 6.65
C VAL B 33 10.00 -29.69 7.82
N PHE B 34 10.36 -28.81 8.69
CA PHE B 34 11.14 -29.19 9.88
C PHE B 34 10.26 -29.02 11.10
N THR B 35 10.23 -29.98 12.02
CA THR B 35 9.30 -29.91 13.10
C THR B 35 10.09 -30.32 14.36
N ARG B 36 9.60 -29.92 15.51
CA ARG B 36 10.11 -30.35 16.82
C ARG B 36 9.48 -31.61 17.25
N ARG B 37 8.36 -32.00 16.64
CA ARG B 37 7.67 -33.26 16.94
C ARG B 37 8.36 -34.43 16.20
N ASP B 38 8.11 -35.69 16.59
CA ASP B 38 8.73 -36.76 15.89
C ASP B 38 8.31 -36.68 14.42
N PRO B 39 9.30 -36.54 13.52
CA PRO B 39 8.83 -36.29 12.12
C PRO B 39 8.00 -37.42 11.58
N LYS B 40 8.19 -38.65 12.13
CA LYS B 40 7.37 -39.76 11.62
C LYS B 40 5.93 -39.57 11.93
N THR B 41 5.57 -38.71 12.87
CA THR B 41 4.21 -38.56 13.32
C THR B 41 3.52 -37.32 12.75
N VAL B 42 4.20 -36.55 11.89
CA VAL B 42 3.60 -35.29 11.36
C VAL B 42 3.39 -35.54 9.88
N ALA B 43 2.15 -35.58 9.45
CA ALA B 43 1.81 -35.86 8.07
C ALA B 43 1.65 -34.47 7.47
N VAL B 44 2.33 -34.23 6.35
CA VAL B 44 2.24 -32.99 5.60
C VAL B 44 1.53 -33.14 4.21
N LYS B 45 0.71 -32.15 3.85
CA LYS B 45 -0.14 -32.27 2.67
C LYS B 45 0.68 -32.40 1.39
N SER B 46 1.82 -31.71 1.33
CA SER B 46 2.69 -31.69 0.18
C SER B 46 3.41 -33.01 0.04
N ASN B 47 3.48 -33.81 1.06
CA ASN B 47 4.30 -35.02 0.89
C ASN B 47 5.77 -34.78 0.62
N VAL B 48 6.28 -33.65 1.04
CA VAL B 48 7.70 -33.42 0.94
C VAL B 48 8.34 -34.07 2.13
N LYS B 49 9.66 -34.09 2.19
CA LYS B 49 10.40 -34.67 3.30
C LYS B 49 10.03 -33.94 4.65
N VAL B 50 9.63 -34.67 5.67
CA VAL B 50 9.48 -34.15 7.03
C VAL B 50 10.62 -34.52 7.87
N LEU B 51 11.32 -33.55 8.44
CA LEU B 51 12.50 -33.80 9.24
C LEU B 51 12.50 -33.10 10.60
N HIS B 52 13.25 -33.61 11.57
CA HIS B 52 13.35 -32.93 12.88
C HIS B 52 14.22 -31.66 12.75
N VAL B 53 13.89 -30.59 13.48
CA VAL B 53 14.73 -29.41 13.52
C VAL B 53 16.18 -29.59 13.83
N ASP B 54 16.56 -30.66 14.53
CA ASP B 54 17.98 -30.95 14.68
C ASP B 54 18.76 -31.25 13.33
N ASP B 55 18.03 -31.65 12.31
CA ASP B 55 18.65 -31.95 11.03
C ASP B 55 18.66 -30.70 10.15
N ALA B 56 18.17 -29.57 10.64
CA ALA B 56 18.16 -28.42 9.77
C ALA B 56 19.55 -27.85 9.35
N GLN B 57 20.45 -27.78 10.32
CA GLN B 57 21.79 -27.26 10.06
C GLN B 57 22.43 -28.02 8.88
N SER B 58 22.22 -29.35 8.83
CA SER B 58 22.77 -30.11 7.70
C SER B 58 22.21 -29.81 6.29
N TYR B 59 21.16 -28.95 6.24
CA TYR B 59 20.50 -28.58 5.02
C TYR B 59 20.80 -27.18 4.64
N LYS B 60 21.87 -26.66 5.24
CA LYS B 60 22.37 -25.30 5.00
C LYS B 60 22.54 -24.96 3.51
N ASP B 61 23.13 -25.84 2.77
CA ASP B 61 23.36 -25.60 1.36
C ASP B 61 22.22 -26.11 0.47
N GLU B 62 21.15 -26.65 1.06
CA GLU B 62 20.04 -27.10 0.28
C GLU B 62 18.83 -26.16 0.23
N ILE B 63 18.90 -25.10 1.01
CA ILE B 63 17.67 -24.22 1.24
C ILE B 63 18.15 -22.79 1.07
N ASP B 64 17.46 -22.02 0.24
CA ASP B 64 17.73 -20.60 0.04
C ASP B 64 17.06 -19.69 1.11
N VAL B 65 15.78 -19.93 1.36
CA VAL B 65 15.05 -19.19 2.38
C VAL B 65 14.28 -20.14 3.29
N MET B 66 14.37 -19.93 4.59
CA MET B 66 13.66 -20.78 5.54
C MET B 66 12.52 -19.93 6.08
N ILE B 67 11.29 -20.42 5.93
CA ILE B 67 10.11 -19.64 6.43
C ILE B 67 9.63 -20.18 7.76
N LEU B 68 9.75 -19.37 8.73
CA LEU B 68 9.59 -19.77 10.19
C LEU B 68 8.14 -19.55 10.53
N CYS B 69 7.37 -20.60 10.70
CA CYS B 69 5.92 -20.58 10.86
C CYS B 69 5.48 -20.75 12.33
N GLY B 70 6.40 -20.58 13.27
CA GLY B 70 6.10 -20.74 14.68
C GLY B 70 5.40 -19.57 15.35
N GLY B 71 4.83 -19.89 16.51
CA GLY B 71 4.16 -18.92 17.37
C GLY B 71 5.04 -17.80 17.82
N SER B 72 4.50 -16.58 17.78
CA SER B 72 5.33 -15.44 18.15
C SER B 72 5.88 -15.43 19.59
N ALA B 73 5.03 -15.66 20.59
CA ALA B 73 5.53 -15.68 21.96
C ALA B 73 6.34 -16.92 22.35
N THR B 74 5.75 -18.07 22.03
CA THR B 74 6.28 -19.41 22.31
C THR B 74 7.47 -20.04 21.58
N ASP B 75 7.52 -19.85 20.26
CA ASP B 75 8.58 -20.48 19.47
C ASP B 75 9.57 -19.56 18.75
N LEU B 76 9.08 -18.42 18.29
CA LEU B 76 9.92 -17.48 17.53
C LEU B 76 11.10 -16.89 18.29
N PRO B 77 10.91 -16.55 19.56
CA PRO B 77 12.01 -15.94 20.30
C PRO B 77 13.26 -16.85 20.31
N GLU B 78 13.07 -18.13 20.37
CA GLU B 78 14.25 -19.03 20.22
C GLU B 78 14.56 -19.35 18.73
N GLN B 79 13.51 -19.65 17.97
CA GLN B 79 13.72 -20.14 16.62
C GLN B 79 14.30 -19.15 15.67
N GLY B 80 13.80 -17.92 15.77
CA GLY B 80 14.24 -16.88 14.87
C GLY B 80 15.76 -16.68 14.88
N PRO B 81 16.29 -16.44 16.08
CA PRO B 81 17.77 -16.22 16.16
C PRO B 81 18.45 -17.52 15.79
N TYR B 82 17.88 -18.65 16.18
CA TYR B 82 18.56 -19.90 15.85
C TYR B 82 18.72 -20.09 14.38
N PHE B 83 17.63 -20.06 13.64
CA PHE B 83 17.66 -20.31 12.20
C PHE B 83 18.44 -19.28 11.43
N ALA B 84 18.38 -18.03 11.90
CA ALA B 84 19.14 -16.98 11.23
C ALA B 84 20.69 -17.12 11.36
N GLN B 85 21.14 -18.10 12.19
CA GLN B 85 22.55 -18.49 12.17
C GLN B 85 22.93 -19.26 10.94
N TYR B 86 21.97 -19.89 10.25
CA TYR B 86 22.25 -20.87 9.15
C TYR B 86 21.55 -20.63 7.85
N PHE B 87 20.54 -19.71 7.83
CA PHE B 87 19.74 -19.48 6.67
C PHE B 87 19.24 -18.06 6.60
N ASN B 88 18.97 -17.66 5.39
CA ASN B 88 18.03 -16.46 5.21
C ASN B 88 16.65 -16.88 5.70
N THR B 89 15.97 -16.01 6.45
CA THR B 89 14.75 -16.47 7.14
C THR B 89 13.66 -15.37 6.86
N ILE B 90 12.42 -15.84 6.93
CA ILE B 90 11.23 -14.97 6.99
C ILE B 90 10.45 -15.40 8.19
N ASP B 91 9.83 -14.48 8.92
CA ASP B 91 8.94 -14.94 9.98
C ASP B 91 7.75 -13.97 10.09
N SER B 92 6.83 -14.28 10.90
CA SER B 92 5.58 -13.44 11.05
C SER B 92 5.42 -12.79 12.39
N PHE B 93 6.52 -12.52 13.12
CA PHE B 93 6.54 -12.15 14.54
C PHE B 93 5.58 -11.04 14.75
N ALA B 94 4.55 -11.21 15.57
CA ALA B 94 3.40 -10.25 15.58
C ALA B 94 3.28 -9.45 16.80
N THR B 95 4.15 -9.72 17.81
CA THR B 95 3.94 -9.02 19.04
C THR B 95 4.65 -7.66 19.06
N HIS B 96 3.93 -6.61 18.69
CA HIS B 96 4.51 -5.30 18.45
C HIS B 96 5.35 -4.77 19.57
N ALA B 97 4.94 -5.03 20.79
CA ALA B 97 5.65 -4.53 21.93
C ALA B 97 7.02 -5.08 22.10
N ARG B 98 7.17 -6.28 21.58
CA ARG B 98 8.38 -7.03 21.62
C ARG B 98 9.18 -7.01 20.33
N ILE B 99 8.85 -6.24 19.34
CA ILE B 99 9.61 -6.25 18.09
C ILE B 99 10.98 -5.71 18.19
N PRO B 100 11.21 -4.61 18.92
CA PRO B 100 12.64 -4.11 19.01
C PRO B 100 13.64 -5.18 19.58
N ASP B 101 13.32 -5.79 20.69
CA ASP B 101 14.16 -6.86 21.21
C ASP B 101 14.31 -8.03 20.17
N TYR B 102 13.18 -8.49 19.57
CA TYR B 102 13.21 -9.59 18.65
C TYR B 102 14.12 -9.24 17.50
N PHE B 103 13.93 -8.02 17.02
CA PHE B 103 14.70 -7.54 15.91
C PHE B 103 16.18 -7.49 16.23
N ASP B 104 16.51 -7.15 17.47
CA ASP B 104 17.98 -7.00 17.77
C ASP B 104 18.54 -8.40 17.92
N ALA B 105 17.76 -9.32 18.43
CA ALA B 105 18.28 -10.69 18.65
C ALA B 105 18.48 -11.43 17.30
N VAL B 106 17.53 -11.24 16.38
CA VAL B 106 17.65 -11.79 15.04
C VAL B 106 18.76 -11.11 14.34
N ASN B 107 18.83 -9.79 14.50
CA ASN B 107 19.79 -9.00 13.78
C ASN B 107 21.20 -9.39 14.12
N ALA B 108 21.42 -9.72 15.39
CA ALA B 108 22.80 -10.07 15.80
C ALA B 108 23.16 -11.42 15.24
N ALA B 109 22.23 -12.39 15.20
CA ALA B 109 22.54 -13.71 14.52
C ALA B 109 22.83 -13.57 13.02
N ALA B 110 21.95 -12.81 12.31
CA ALA B 110 22.00 -12.69 10.87
C ALA B 110 23.24 -11.88 10.43
N GLU B 111 23.54 -10.86 11.19
CA GLU B 111 24.79 -10.09 10.82
C GLU B 111 26.01 -11.00 10.92
N GLN B 112 26.00 -11.78 11.96
CA GLN B 112 27.16 -12.70 12.19
C GLN B 112 27.27 -13.79 11.15
N SER B 113 26.15 -14.40 10.78
CA SER B 113 26.13 -15.39 9.73
C SER B 113 26.20 -14.93 8.26
N GLY B 114 25.98 -13.65 8.07
CA GLY B 114 25.77 -13.07 6.76
C GLY B 114 24.44 -13.34 6.06
N LYS B 115 23.42 -13.83 6.75
CA LYS B 115 22.11 -14.13 6.14
C LYS B 115 21.19 -12.91 6.28
N VAL B 116 20.15 -12.99 5.48
CA VAL B 116 19.12 -11.88 5.50
C VAL B 116 17.94 -12.55 6.26
N ALA B 117 17.42 -11.83 7.25
CA ALA B 117 16.25 -12.24 8.00
C ALA B 117 15.16 -11.18 7.86
N ILE B 118 13.98 -11.46 7.30
CA ILE B 118 12.96 -10.36 7.27
C ILE B 118 11.97 -10.84 8.41
N ILE B 119 11.84 -10.05 9.44
CA ILE B 119 10.99 -10.33 10.53
C ILE B 119 9.56 -9.66 10.32
N SER B 120 8.56 -10.11 11.07
CA SER B 120 7.27 -9.42 11.26
C SER B 120 6.54 -9.15 9.92
N VAL B 121 6.51 -10.18 9.07
CA VAL B 121 5.82 -10.09 7.80
C VAL B 121 4.42 -10.72 7.93
N GLY B 122 3.39 -9.95 7.58
CA GLY B 122 2.01 -10.39 7.65
C GLY B 122 1.09 -9.18 7.51
N TRP B 123 -0.21 -9.35 7.68
CA TRP B 123 -1.11 -8.19 7.58
C TRP B 123 -0.86 -7.16 8.69
N ASP B 124 -0.67 -7.60 9.94
CA ASP B 124 -0.31 -6.67 10.97
C ASP B 124 0.39 -7.40 12.14
N PRO B 125 1.70 -7.27 12.27
CA PRO B 125 2.55 -6.45 11.41
C PRO B 125 2.76 -6.92 9.97
N GLY B 126 3.04 -5.92 9.14
CA GLY B 126 3.29 -6.04 7.71
C GLY B 126 2.51 -5.04 6.85
N LEU B 127 1.57 -5.54 6.11
CA LEU B 127 0.88 -4.68 5.17
C LEU B 127 0.28 -3.56 5.90
N PHE B 128 -0.37 -3.73 7.05
CA PHE B 128 -0.99 -2.61 7.73
C PHE B 128 0.11 -1.58 8.11
N SER B 129 1.23 -2.06 8.56
CA SER B 129 2.32 -1.25 8.97
C SER B 129 2.74 -0.31 7.81
N LEU B 130 2.86 -0.86 6.60
CA LEU B 130 3.33 -0.18 5.44
C LEU B 130 2.34 0.94 5.12
N ASN B 131 1.08 0.65 5.35
CA ASN B 131 0.01 1.70 5.12
C ASN B 131 -0.01 2.78 6.21
N ARG B 132 0.30 2.40 7.44
CA ARG B 132 0.42 3.40 8.49
C ARG B 132 1.59 4.35 8.16
N LEU B 133 2.71 3.81 7.65
CA LEU B 133 3.91 4.62 7.32
C LEU B 133 3.53 5.48 6.14
N LEU B 134 3.01 4.90 5.11
CA LEU B 134 2.71 5.68 3.93
C LEU B 134 1.74 6.78 4.29
N GLY B 135 0.70 6.54 5.07
CA GLY B 135 -0.26 7.56 5.37
C GLY B 135 0.39 8.74 6.09
N GLU B 136 1.24 8.47 7.08
CA GLU B 136 1.88 9.58 7.77
C GLU B 136 2.87 10.36 6.90
N VAL B 137 3.64 9.66 6.07
CA VAL B 137 4.60 10.32 5.18
C VAL B 137 3.94 11.20 4.10
N VAL B 138 2.87 10.72 3.49
CA VAL B 138 2.15 11.53 2.45
C VAL B 138 1.24 12.55 3.05
N LEU B 139 0.67 12.36 4.21
CA LEU B 139 -0.24 13.29 4.87
C LEU B 139 0.20 13.58 6.27
N PRO B 140 1.25 14.38 6.46
CA PRO B 140 1.81 14.55 7.82
C PRO B 140 0.93 15.14 8.82
N VAL B 141 -0.08 15.86 8.38
CA VAL B 141 -1.01 16.48 9.30
C VAL B 141 -2.30 15.68 9.13
N GLY B 142 -2.67 14.94 10.17
CA GLY B 142 -3.85 14.12 10.13
C GLY B 142 -3.81 13.05 11.20
N ASN B 143 -4.74 12.11 11.10
CA ASN B 143 -4.82 11.01 12.05
C ASN B 143 -4.87 9.66 11.35
N THR B 144 -4.26 8.66 11.97
CA THR B 144 -4.28 7.32 11.42
C THR B 144 -5.10 6.45 12.40
N TYR B 145 -5.93 5.61 11.79
CA TYR B 145 -6.86 4.73 12.56
C TYR B 145 -6.67 3.35 12.02
N THR B 146 -6.34 2.39 12.94
CA THR B 146 -6.26 0.98 12.58
C THR B 146 -7.39 0.17 13.21
N PHE B 147 -8.15 -0.58 12.43
CA PHE B 147 -9.17 -1.46 12.91
C PHE B 147 -8.82 -2.90 12.54
N TRP B 148 -9.18 -3.94 13.36
CA TRP B 148 -8.98 -5.29 13.09
C TRP B 148 -10.27 -6.04 13.16
N GLY B 149 -10.40 -7.03 12.28
CA GLY B 149 -11.61 -7.83 12.17
C GLY B 149 -12.57 -7.22 11.16
N LYS B 150 -13.80 -7.71 11.08
CA LYS B 150 -14.28 -8.79 11.94
C LYS B 150 -13.56 -10.07 11.60
N GLY B 151 -13.02 -10.71 12.62
CA GLY B 151 -12.31 -11.97 12.44
C GLY B 151 -12.06 -12.67 13.75
N VAL B 152 -11.71 -13.94 13.68
CA VAL B 152 -11.39 -14.68 14.84
C VAL B 152 -10.10 -14.15 15.38
N SER B 153 -10.12 -13.91 16.69
CA SER B 153 -8.90 -13.58 17.43
C SER B 153 -8.26 -14.79 17.95
N LEU B 154 -7.19 -15.18 17.31
CA LEU B 154 -6.64 -16.47 17.62
C LEU B 154 -6.09 -16.46 18.98
N GLY B 155 -5.45 -15.39 19.41
CA GLY B 155 -4.89 -15.25 20.77
C GLY B 155 -5.87 -15.24 21.87
N HIS B 156 -6.84 -14.36 21.80
CA HIS B 156 -7.99 -14.29 22.74
C HIS B 156 -8.79 -15.62 22.82
N SER B 157 -9.12 -16.25 21.67
CA SER B 157 -9.75 -17.59 21.66
C SER B 157 -8.99 -18.59 22.43
N GLY B 158 -7.65 -18.60 22.23
CA GLY B 158 -6.87 -19.53 22.99
C GLY B 158 -6.77 -19.14 24.46
N ALA B 159 -6.94 -17.89 24.80
CA ALA B 159 -6.93 -17.44 26.24
C ALA B 159 -8.21 -17.91 26.97
N ILE B 160 -9.37 -17.73 26.31
CA ILE B 160 -10.63 -18.23 26.91
C ILE B 160 -10.62 -19.78 27.17
N ARG B 161 -9.99 -20.56 26.27
CA ARG B 161 -9.93 -22.01 26.41
C ARG B 161 -9.09 -22.43 27.65
N ARG B 162 -8.42 -21.50 28.31
CA ARG B 162 -7.67 -21.88 29.51
C ARG B 162 -8.52 -21.77 30.80
N ILE B 163 -9.73 -21.26 30.70
CA ILE B 163 -10.59 -21.07 31.84
C ILE B 163 -11.29 -22.39 32.21
N GLN B 164 -11.33 -22.66 33.53
CA GLN B 164 -11.91 -23.94 34.02
C GLN B 164 -13.40 -23.96 33.59
N GLY B 165 -13.81 -25.11 33.10
CA GLY B 165 -15.19 -25.31 32.63
C GLY B 165 -15.43 -24.83 31.21
N VAL B 166 -14.39 -24.32 30.51
CA VAL B 166 -14.51 -24.08 29.08
C VAL B 166 -14.07 -25.30 28.34
N LYS B 167 -14.95 -25.89 27.61
CA LYS B 167 -14.63 -26.98 26.73
C LYS B 167 -13.93 -26.51 25.49
N ASN B 168 -14.39 -25.39 24.92
CA ASN B 168 -13.86 -24.86 23.68
C ASN B 168 -14.46 -23.46 23.55
N ALA B 169 -13.86 -22.61 22.71
CA ALA B 169 -14.33 -21.21 22.54
C ALA B 169 -13.70 -20.57 21.30
N VAL B 170 -14.34 -19.55 20.70
CA VAL B 170 -13.87 -18.82 19.61
C VAL B 170 -14.32 -17.38 19.90
N GLN B 171 -13.34 -16.46 20.00
CA GLN B 171 -13.60 -15.09 20.27
C GLN B 171 -13.39 -14.31 19.00
N TYR B 172 -14.21 -13.30 18.80
CA TYR B 172 -14.14 -12.41 17.60
C TYR B 172 -13.83 -11.02 18.06
N ILE B 173 -13.03 -10.35 17.21
CA ILE B 173 -12.80 -8.90 17.30
C ILE B 173 -13.57 -8.31 16.19
N ILE B 174 -14.37 -7.25 16.43
CA ILE B 174 -15.27 -6.79 15.44
C ILE B 174 -15.28 -5.23 15.37
N PRO B 175 -14.88 -4.67 14.26
CA PRO B 175 -14.89 -3.20 14.15
C PRO B 175 -16.26 -2.70 14.15
N ILE B 176 -16.46 -1.57 14.79
CA ILE B 176 -17.83 -1.00 14.99
C ILE B 176 -18.02 -0.19 13.76
N ASP B 177 -19.04 -0.55 12.96
CA ASP B 177 -19.26 0.13 11.74
C ASP B 177 -19.40 1.63 11.81
N GLU B 178 -20.06 2.15 12.84
CA GLU B 178 -20.24 3.59 12.96
C GLU B 178 -18.91 4.32 13.06
N ALA B 179 -17.97 3.71 13.77
CA ALA B 179 -16.63 4.31 13.99
C ALA B 179 -15.91 4.32 12.67
N VAL B 180 -15.96 3.19 11.94
CA VAL B 180 -15.30 3.16 10.67
C VAL B 180 -15.92 4.26 9.74
N ASN B 181 -17.27 4.33 9.69
CA ASN B 181 -17.92 5.32 8.87
C ASN B 181 -17.57 6.77 9.30
N ARG B 182 -17.47 7.05 10.59
CA ARG B 182 -17.04 8.45 11.05
C ARG B 182 -15.61 8.75 10.51
N VAL B 183 -14.73 7.72 10.57
CA VAL B 183 -13.42 7.89 10.14
C VAL B 183 -13.35 8.15 8.61
N ARG B 184 -14.09 7.37 7.86
CA ARG B 184 -14.16 7.55 6.42
C ARG B 184 -14.69 8.94 6.06
N SER B 185 -15.65 9.45 6.83
CA SER B 185 -16.22 10.79 6.48
C SER B 185 -15.21 11.90 6.54
N GLY B 186 -14.06 11.69 7.16
CA GLY B 186 -13.19 12.80 7.34
C GLY B 186 -13.51 13.69 8.54
N GLU B 187 -14.34 13.16 9.43
CA GLU B 187 -14.66 13.86 10.69
C GLU B 187 -13.38 13.96 11.61
N ASN B 188 -12.41 13.06 11.46
CA ASN B 188 -11.36 12.91 12.36
C ASN B 188 -11.95 12.71 13.75
N PRO B 189 -12.74 11.65 13.94
CA PRO B 189 -13.36 11.48 15.23
C PRO B 189 -12.37 11.12 16.35
N GLU B 190 -12.65 11.57 17.58
CA GLU B 190 -11.98 10.99 18.74
C GLU B 190 -12.76 9.78 19.16
N LEU B 191 -12.04 8.64 19.32
CA LEU B 191 -12.66 7.36 19.50
C LEU B 191 -11.87 6.73 20.66
N SER B 192 -12.62 6.16 21.57
CA SER B 192 -11.99 5.29 22.63
C SER B 192 -11.92 3.89 22.08
N THR B 193 -11.25 2.99 22.80
CA THR B 193 -11.14 1.66 22.35
C THR B 193 -12.53 0.94 22.30
N ARG B 194 -13.43 1.30 23.22
CA ARG B 194 -14.79 0.77 23.28
C ARG B 194 -15.63 1.22 22.08
N GLU B 195 -15.32 2.39 21.52
CA GLU B 195 -16.01 2.89 20.41
C GLU B 195 -15.50 2.31 19.07
N LYS B 196 -14.32 1.63 19.07
CA LYS B 196 -13.76 1.13 17.81
C LYS B 196 -14.05 -0.35 17.50
N HIS B 197 -14.04 -1.16 18.55
CA HIS B 197 -14.17 -2.56 18.44
C HIS B 197 -15.05 -3.11 19.54
N ALA B 198 -15.81 -4.11 19.19
CA ALA B 198 -16.45 -5.03 20.16
C ALA B 198 -15.75 -6.38 20.21
N MET B 199 -15.98 -7.06 21.27
CA MET B 199 -15.44 -8.39 21.36
C MET B 199 -16.64 -9.36 21.61
N GLU B 200 -16.60 -10.49 20.95
CA GLU B 200 -17.78 -11.37 21.01
C GLU B 200 -17.21 -12.76 21.19
N CYS B 201 -17.57 -13.43 22.28
CA CYS B 201 -17.08 -14.78 22.56
C CYS B 201 -18.15 -15.86 22.48
N PHE B 202 -17.81 -16.97 21.83
CA PHE B 202 -18.72 -18.08 21.68
C PHE B 202 -18.08 -19.24 22.46
N VAL B 203 -18.70 -19.66 23.58
CA VAL B 203 -18.07 -20.57 24.50
C VAL B 203 -18.96 -21.83 24.65
N VAL B 204 -18.32 -22.97 24.63
CA VAL B 204 -18.94 -24.29 24.95
C VAL B 204 -18.46 -24.70 26.31
N LEU B 205 -19.41 -24.84 27.25
CA LEU B 205 -19.18 -25.15 28.64
C LEU B 205 -18.94 -26.66 28.76
N GLU B 206 -17.98 -27.02 29.61
CA GLU B 206 -17.83 -28.40 30.08
C GLU B 206 -19.16 -28.89 30.71
N GLU B 207 -19.48 -30.19 30.56
CA GLU B 207 -20.64 -30.79 31.27
C GLU B 207 -20.39 -30.49 32.75
N GLY B 208 -21.32 -29.83 33.42
CA GLY B 208 -21.16 -29.53 34.83
C GLY B 208 -20.88 -28.11 35.17
N ALA B 209 -20.15 -27.39 34.33
CA ALA B 209 -19.65 -26.09 34.69
C ALA B 209 -20.76 -25.15 34.98
N ASP B 210 -20.38 -24.05 35.60
CA ASP B 210 -21.23 -23.03 36.07
C ASP B 210 -21.16 -21.81 35.15
N PRO B 211 -22.26 -21.42 34.45
CA PRO B 211 -22.13 -20.30 33.53
C PRO B 211 -21.72 -19.01 34.11
N ALA B 212 -22.32 -18.62 35.21
CA ALA B 212 -22.03 -17.37 35.85
C ALA B 212 -20.55 -17.26 36.29
N LYS B 213 -19.95 -18.32 36.81
CA LYS B 213 -18.54 -18.29 37.19
C LYS B 213 -17.66 -18.11 35.93
N VAL B 214 -17.94 -18.87 34.88
CA VAL B 214 -17.18 -18.77 33.63
C VAL B 214 -17.33 -17.41 32.99
N GLU B 215 -18.52 -16.91 32.86
CA GLU B 215 -18.69 -15.54 32.34
C GLU B 215 -17.89 -14.46 33.11
N HIS B 216 -17.94 -14.53 34.45
CA HIS B 216 -17.25 -13.59 35.35
C HIS B 216 -15.74 -13.64 35.02
N GLU B 217 -15.17 -14.83 35.17
CA GLU B 217 -13.77 -15.03 34.81
C GLU B 217 -13.40 -14.48 33.45
N ILE B 218 -14.25 -14.67 32.42
CA ILE B 218 -13.98 -14.13 31.07
C ILE B 218 -13.97 -12.62 30.96
N LYS B 219 -14.90 -11.95 31.66
CA LYS B 219 -15.16 -10.52 31.46
C LYS B 219 -14.31 -9.54 32.33
N THR B 220 -13.86 -10.01 33.48
CA THR B 220 -13.13 -9.21 34.40
C THR B 220 -11.60 -9.30 34.08
N GLU B 227 -9.68 -2.64 26.85
CA GLU B 227 -10.94 -2.37 27.53
C GLU B 227 -12.08 -2.29 26.48
N TYR B 228 -12.98 -3.30 26.43
CA TYR B 228 -13.95 -3.45 25.31
C TYR B 228 -15.37 -3.98 25.77
N ASP B 229 -16.46 -3.59 25.09
CA ASP B 229 -17.79 -4.27 25.26
C ASP B 229 -17.63 -5.71 24.72
N THR B 230 -17.76 -6.68 25.66
CA THR B 230 -17.50 -8.14 25.44
C THR B 230 -18.72 -8.95 25.80
N THR B 231 -19.31 -9.52 24.76
CA THR B 231 -20.51 -10.29 24.79
C THR B 231 -20.13 -11.77 24.80
N VAL B 232 -20.62 -12.51 25.79
CA VAL B 232 -20.35 -13.94 25.99
C VAL B 232 -21.65 -14.69 25.66
N HIS B 233 -21.56 -15.61 24.72
CA HIS B 233 -22.66 -16.52 24.23
C HIS B 233 -22.25 -17.92 24.62
N PHE B 234 -23.11 -18.61 25.34
CA PHE B 234 -22.82 -20.03 25.70
C PHE B 234 -23.64 -20.88 24.76
N ILE B 235 -22.94 -21.66 23.92
CA ILE B 235 -23.49 -22.35 22.76
C ILE B 235 -23.03 -23.80 22.77
N SER B 236 -23.62 -24.60 21.91
CA SER B 236 -23.27 -26.02 21.86
C SER B 236 -22.00 -26.22 21.00
N GLU B 237 -21.31 -27.36 21.15
CA GLU B 237 -20.24 -27.84 20.25
C GLU B 237 -20.73 -27.77 18.78
N GLU B 238 -21.96 -28.18 18.50
CA GLU B 238 -22.46 -28.18 17.09
C GLU B 238 -22.60 -26.82 16.47
N GLU B 239 -23.11 -25.90 17.29
CA GLU B 239 -23.19 -24.54 16.81
C GLU B 239 -21.75 -23.94 16.60
N LEU B 240 -20.83 -24.22 17.49
CA LEU B 240 -19.47 -23.75 17.35
C LEU B 240 -18.79 -24.32 16.05
N LYS B 241 -19.09 -25.58 15.73
CA LYS B 241 -18.60 -26.13 14.46
C LYS B 241 -19.24 -25.59 13.24
N GLN B 242 -20.54 -25.40 13.25
CA GLN B 242 -21.29 -25.01 12.07
C GLN B 242 -20.93 -23.57 11.72
N ASN B 243 -20.91 -22.74 12.76
CA ASN B 243 -20.94 -21.31 12.50
C ASN B 243 -19.62 -20.63 12.84
N HIS B 244 -18.65 -21.33 13.46
CA HIS B 244 -17.48 -20.70 14.00
C HIS B 244 -16.19 -21.41 13.67
N SER B 245 -16.23 -22.19 12.60
CA SER B 245 -15.10 -22.99 12.10
C SER B 245 -13.95 -22.20 11.50
N GLY B 246 -14.29 -21.15 10.78
CA GLY B 246 -13.33 -20.32 10.08
C GLY B 246 -12.37 -19.46 10.88
N MET B 247 -11.28 -19.11 10.20
CA MET B 247 -10.22 -18.27 10.74
C MET B 247 -10.22 -16.95 9.95
N PRO B 248 -11.41 -16.48 9.59
CA PRO B 248 -11.54 -15.24 8.82
C PRO B 248 -11.05 -14.02 9.61
N ASN B 249 -10.48 -13.05 8.91
CA ASN B 249 -9.99 -11.87 9.54
C ASN B 249 -9.96 -10.72 8.53
N GLY B 250 -9.50 -9.60 9.00
CA GLY B 250 -9.28 -8.49 8.10
C GLY B 250 -9.14 -7.19 8.88
N GLY B 251 -9.41 -6.08 8.24
CA GLY B 251 -9.41 -4.80 9.02
C GLY B 251 -9.17 -3.60 8.12
N PHE B 252 -8.86 -2.42 8.66
CA PHE B 252 -8.76 -1.24 7.90
C PHE B 252 -7.52 -0.45 8.49
N VAL B 253 -6.86 0.32 7.63
CA VAL B 253 -5.90 1.36 8.05
C VAL B 253 -6.38 2.58 7.26
N ILE B 254 -6.82 3.61 7.98
CA ILE B 254 -7.26 4.84 7.30
C ILE B 254 -6.38 5.97 7.83
N ARG B 255 -5.85 6.77 6.89
CA ARG B 255 -5.22 8.06 7.20
C ARG B 255 -6.13 9.19 6.72
N SER B 256 -6.58 10.05 7.63
CA SER B 256 -7.40 11.18 7.26
C SER B 256 -6.51 12.39 7.54
N GLY B 257 -6.24 13.19 6.51
CA GLY B 257 -5.38 14.35 6.70
C GLY B 257 -5.82 15.52 5.95
N LYS B 258 -5.01 16.53 5.98
CA LYS B 258 -5.33 17.81 5.35
C LYS B 258 -4.08 18.32 4.68
N SER B 259 -4.33 19.02 3.56
CA SER B 259 -3.32 19.75 2.81
C SER B 259 -3.06 21.00 3.66
N ASP B 260 -1.99 21.74 3.38
CA ASP B 260 -1.66 22.92 4.16
C ASP B 260 -2.73 23.99 3.90
N GLU B 261 -3.51 23.76 2.84
CA GLU B 261 -4.64 24.73 2.56
C GLU B 261 -5.98 24.25 3.07
N GLY B 262 -6.00 23.12 3.73
CA GLY B 262 -7.21 22.67 4.36
C GLY B 262 -8.00 21.62 3.63
N HIS B 263 -7.49 21.10 2.48
CA HIS B 263 -8.25 20.16 1.70
C HIS B 263 -8.21 18.80 2.49
N LYS B 264 -9.31 18.12 2.62
CA LYS B 264 -9.34 16.78 3.31
C LYS B 264 -8.97 15.72 2.35
N GLN B 265 -8.04 14.81 2.78
CA GLN B 265 -7.45 13.86 1.94
C GLN B 265 -7.47 12.56 2.69
N ILE B 266 -8.17 11.57 2.18
CA ILE B 266 -8.30 10.29 2.87
C ILE B 266 -7.73 9.14 2.10
N ILE B 267 -6.88 8.34 2.81
CA ILE B 267 -6.28 7.10 2.27
C ILE B 267 -6.80 5.94 3.09
N GLU B 268 -7.27 4.94 2.39
CA GLU B 268 -7.76 3.71 3.05
C GLU B 268 -7.18 2.46 2.47
N PHE B 269 -6.79 1.55 3.35
CA PHE B 269 -6.30 0.23 2.99
C PHE B 269 -7.14 -0.77 3.79
N SER B 270 -7.63 -1.80 3.13
CA SER B 270 -8.45 -2.77 3.87
C SER B 270 -8.26 -4.21 3.41
N LEU B 271 -8.53 -5.15 4.32
CA LEU B 271 -8.43 -6.54 3.99
C LEU B 271 -9.74 -7.26 4.41
N ASN B 272 -10.18 -8.21 3.62
CA ASN B 272 -11.26 -9.08 3.94
C ASN B 272 -10.87 -10.46 3.58
N LEU B 273 -10.49 -11.21 4.60
CA LEU B 273 -9.81 -12.49 4.46
C LEU B 273 -10.62 -13.68 4.96
N GLU B 274 -10.99 -14.55 4.03
CA GLU B 274 -11.60 -15.88 4.48
C GLU B 274 -10.64 -16.77 5.23
N SER B 275 -9.34 -16.67 5.00
CA SER B 275 -8.37 -17.45 5.76
C SER B 275 -7.23 -16.55 6.24
N ASN B 276 -7.15 -16.30 7.55
CA ASN B 276 -6.09 -15.47 8.08
C ASN B 276 -4.71 -16.12 7.92
N PRO B 277 -4.62 -17.40 8.25
CA PRO B 277 -3.34 -18.12 8.10
C PRO B 277 -2.89 -18.22 6.64
N MET B 278 -3.83 -18.47 5.73
CA MET B 278 -3.51 -18.61 4.31
C MET B 278 -2.99 -17.29 3.75
N PHE B 279 -3.60 -16.19 4.16
CA PHE B 279 -3.15 -14.90 3.72
C PHE B 279 -1.70 -14.52 4.14
N THR B 280 -1.48 -14.59 5.44
CA THR B 280 -0.24 -14.33 6.07
C THR B 280 0.80 -15.18 5.35
N SER B 281 0.57 -16.48 5.27
CA SER B 281 1.55 -17.29 4.55
C SER B 281 1.84 -17.02 3.11
N SER B 282 0.84 -16.50 2.39
CA SER B 282 1.03 -16.02 1.02
C SER B 282 2.00 -14.82 1.06
N ALA B 283 1.81 -13.87 1.98
CA ALA B 283 2.76 -12.78 2.20
C ALA B 283 4.17 -13.29 2.61
N LEU B 284 4.32 -14.29 3.45
CA LEU B 284 5.60 -14.71 3.83
C LEU B 284 6.37 -15.19 2.55
N VAL B 285 5.67 -15.90 1.69
CA VAL B 285 6.34 -16.50 0.48
C VAL B 285 6.79 -15.33 -0.48
N ALA B 286 5.92 -14.30 -0.65
CA ALA B 286 6.37 -13.21 -1.45
C ALA B 286 7.70 -12.58 -0.83
N TYR B 287 7.72 -12.39 0.48
CA TYR B 287 8.89 -11.81 1.14
C TYR B 287 10.07 -12.75 0.99
N ALA B 288 9.81 -14.04 1.08
CA ALA B 288 10.90 -15.03 0.86
C ALA B 288 11.64 -14.79 -0.46
N ARG B 289 10.93 -14.31 -1.51
CA ARG B 289 11.53 -14.00 -2.76
C ARG B 289 12.43 -12.79 -2.68
N ALA B 290 11.94 -11.77 -1.98
CA ALA B 290 12.73 -10.58 -1.72
C ALA B 290 13.97 -10.91 -0.88
N ALA B 291 13.84 -11.78 0.12
CA ALA B 291 14.99 -12.12 0.95
C ALA B 291 16.02 -12.79 0.05
N TYR B 292 15.58 -13.66 -0.84
CA TYR B 292 16.51 -14.35 -1.73
C TYR B 292 17.22 -13.35 -2.61
N ARG B 293 16.48 -12.38 -3.14
CA ARG B 293 17.08 -11.32 -3.97
C ARG B 293 18.12 -10.46 -3.20
N LEU B 294 17.78 -10.05 -1.97
CA LEU B 294 18.72 -9.28 -1.10
C LEU B 294 19.99 -10.17 -0.79
N SER B 295 19.77 -11.42 -0.57
CA SER B 295 20.90 -12.37 -0.34
C SER B 295 21.83 -12.44 -1.57
N GLN B 296 21.26 -12.52 -2.74
CA GLN B 296 22.03 -12.52 -4.01
C GLN B 296 22.83 -11.23 -4.15
N ASN B 297 22.31 -10.11 -3.61
CA ASN B 297 22.89 -8.78 -3.77
C ASN B 297 23.91 -8.49 -2.66
N GLY B 298 24.24 -9.43 -1.81
CA GLY B 298 25.24 -9.23 -0.70
C GLY B 298 24.76 -8.74 0.64
N ASP B 299 23.45 -8.62 0.72
CA ASP B 299 22.78 -8.11 1.90
C ASP B 299 22.79 -9.08 3.07
N LYS B 300 22.67 -8.52 4.26
CA LYS B 300 22.65 -9.30 5.50
C LYS B 300 22.00 -8.50 6.62
N GLY B 301 21.71 -9.21 7.68
CA GLY B 301 21.08 -8.67 8.83
C GLY B 301 19.55 -8.78 8.78
N ALA B 302 18.96 -8.27 9.86
CA ALA B 302 17.51 -8.22 10.01
C ALA B 302 16.96 -7.04 9.28
N LYS B 303 15.80 -7.31 8.73
CA LYS B 303 15.06 -6.29 7.97
C LYS B 303 13.62 -6.46 8.45
N THR B 304 12.87 -5.40 8.18
CA THR B 304 11.44 -5.32 8.45
C THR B 304 10.84 -4.98 7.09
N VAL B 305 9.51 -5.00 6.98
CA VAL B 305 8.89 -4.70 5.69
C VAL B 305 9.34 -3.32 5.24
N PHE B 306 9.54 -2.42 6.20
CA PHE B 306 9.98 -1.05 5.86
C PHE B 306 11.24 -0.88 4.97
N ASP B 307 12.07 -1.95 4.94
CA ASP B 307 13.30 -2.02 4.25
C ASP B 307 13.24 -2.71 2.84
N ILE B 308 12.02 -3.17 2.41
CA ILE B 308 11.92 -3.97 1.24
C ILE B 308 11.23 -3.24 0.11
N PRO B 309 11.94 -2.96 -0.99
CA PRO B 309 11.26 -2.35 -2.10
C PRO B 309 10.24 -3.38 -2.70
N PHE B 310 9.12 -2.92 -3.14
CA PHE B 310 8.05 -3.85 -3.58
C PHE B 310 8.48 -4.65 -4.82
N GLY B 311 9.30 -4.06 -5.71
CA GLY B 311 9.74 -4.78 -6.90
C GLY B 311 10.47 -6.10 -6.61
N LEU B 312 11.15 -6.13 -5.47
CA LEU B 312 11.82 -7.42 -5.11
C LEU B 312 10.87 -8.48 -4.70
N LEU B 313 9.61 -8.16 -4.53
CA LEU B 313 8.61 -9.22 -4.17
C LEU B 313 8.18 -9.99 -5.41
N SER B 314 8.41 -9.50 -6.60
CA SER B 314 7.72 -10.07 -7.82
C SER B 314 8.78 -10.93 -8.57
N PRO B 315 8.29 -12.03 -9.21
CA PRO B 315 9.14 -12.83 -10.06
C PRO B 315 9.36 -12.19 -11.43
N LYS B 316 8.71 -11.13 -11.68
CA LYS B 316 8.77 -10.41 -12.93
C LYS B 316 10.01 -9.48 -12.89
N SER B 317 10.60 -9.22 -14.06
CA SER B 317 11.66 -8.23 -14.10
C SER B 317 11.27 -6.75 -13.81
N PRO B 318 12.21 -5.92 -13.39
CA PRO B 318 11.89 -4.53 -13.10
C PRO B 318 11.32 -3.86 -14.35
N GLU B 319 11.87 -4.16 -15.53
CA GLU B 319 11.37 -3.57 -16.76
C GLU B 319 9.91 -3.98 -17.03
N ASP B 320 9.60 -5.25 -16.80
CA ASP B 320 8.25 -5.76 -17.03
C ASP B 320 7.25 -5.08 -16.09
N LEU B 321 7.67 -4.89 -14.84
CA LEU B 321 6.80 -4.21 -13.79
C LEU B 321 6.44 -2.82 -14.24
N ARG B 322 7.45 -2.12 -14.72
CA ARG B 322 7.24 -0.78 -15.19
C ARG B 322 6.30 -0.81 -16.38
N LYS B 323 6.44 -1.81 -17.22
CA LYS B 323 5.54 -1.79 -18.43
C LYS B 323 4.08 -2.15 -18.09
N GLU B 324 3.95 -3.10 -17.24
CA GLU B 324 2.62 -3.72 -16.97
C GLU B 324 1.83 -3.07 -15.78
N LEU B 325 2.53 -2.60 -14.76
CA LEU B 325 1.83 -2.17 -13.52
C LEU B 325 1.91 -0.73 -13.10
N LEU B 326 2.88 0.04 -13.59
CA LEU B 326 3.18 1.34 -13.06
C LEU B 326 2.20 2.36 -13.66
PA NAP C . -0.31 22.86 -14.73
O1A NAP C . -0.98 23.55 -13.56
O2A NAP C . -0.87 23.06 -16.15
O5B NAP C . 1.26 23.19 -14.76
C5B NAP C . 2.14 22.62 -15.70
C4B NAP C . 3.14 23.64 -16.08
O4B NAP C . 2.39 24.69 -16.71
C3B NAP C . 3.86 24.30 -14.92
O3B NAP C . 5.09 23.70 -14.56
C2B NAP C . 4.14 25.66 -15.49
O2B NAP C . 5.41 25.80 -16.06
C1B NAP C . 3.10 25.88 -16.58
N9A NAP C . 2.16 26.97 -16.17
C8A NAP C . 1.61 27.18 -14.96
N7A NAP C . 0.81 28.27 -14.91
C5A NAP C . 0.88 28.82 -16.14
C6A NAP C . 0.31 30.02 -16.82
N6A NAP C . -0.51 30.86 -16.17
N1A NAP C . 0.65 30.20 -18.11
C2A NAP C . 1.48 29.38 -18.78
N3A NAP C . 2.06 28.29 -18.24
C4A NAP C . 1.80 27.98 -16.95
O3 NAP C . -0.33 21.26 -14.54
PN NAP C . -0.50 20.52 -13.05
O1N NAP C . -1.98 20.44 -12.75
O2N NAP C . 0.56 21.18 -12.20
O5D NAP C . -0.08 19.00 -13.44
C5D NAP C . 1.19 18.78 -14.02
C4D NAP C . 1.22 17.29 -14.34
O4D NAP C . 1.15 16.50 -13.10
C3D NAP C . 0.10 16.76 -15.23
O3D NAP C . 0.45 16.79 -16.62
C2D NAP C . -0.06 15.29 -14.77
O2D NAP C . 0.43 14.33 -15.75
C1D NAP C . 0.81 15.19 -13.48
N1N NAP C . 0.09 14.47 -12.39
C2N NAP C . 0.51 13.21 -12.05
C3N NAP C . -0.24 12.52 -11.11
C7N NAP C . 0.12 11.12 -10.65
O7N NAP C . -0.69 10.54 -9.96
N7N NAP C . 1.28 10.59 -11.04
C4N NAP C . -1.29 13.15 -10.44
C5N NAP C . -1.64 14.44 -10.80
C6N NAP C . -0.93 15.07 -11.77
P2B NAP C . 6.28 27.19 -15.98
O1X NAP C . 6.28 27.80 -14.59
O2X NAP C . 7.63 26.87 -16.41
O3X NAP C . 5.50 28.12 -17.02
C1 EDO D . -10.55 10.47 -12.92
O1 EDO D . -9.35 10.19 -12.20
C2 EDO D . -10.24 11.59 -13.93
O2 EDO D . -9.93 12.78 -13.19
C1 EDO E . -13.36 12.31 -4.68
O1 EDO E . -14.16 13.06 -5.63
C2 EDO E . -13.18 10.89 -5.10
O2 EDO E . -14.46 10.19 -5.17
C1 EDO F . 0.53 -0.69 -0.07
O1 EDO F . -0.59 -1.43 0.42
C2 EDO F . 0.60 0.70 0.47
O2 EDO F . -0.54 1.48 0.01
PA NAP G . 0.02 -22.87 15.34
O1A NAP G . -0.88 -23.43 14.30
O2A NAP G . -0.34 -22.89 16.78
O5B NAP G . 1.52 -23.45 15.19
C5B NAP G . 2.67 -23.05 15.89
C4B NAP G . 3.55 -24.25 16.02
O4B NAP G . 2.83 -25.17 16.75
C3B NAP G . 3.92 -24.95 14.73
O3B NAP G . 5.03 -24.30 14.18
C2B NAP G . 4.26 -26.39 15.21
O2B NAP G . 5.65 -26.39 15.31
C1B NAP G . 3.42 -26.48 16.50
N9A NAP G . 2.28 -27.38 16.32
C8A NAP G . 1.40 -27.41 15.30
N7A NAP G . 0.45 -28.37 15.40
C5A NAP G . 0.75 -29.00 16.57
C6A NAP G . 0.15 -30.12 17.32
N6A NAP G . -0.92 -30.76 16.86
N1A NAP G . 0.75 -30.46 18.50
C2A NAP G . 1.84 -29.82 19.00
N3A NAP G . 2.43 -28.78 18.35
C4A NAP G . 1.91 -28.35 17.18
O3 NAP G . 0.12 -21.25 15.13
PN NAP G . -0.24 -20.48 13.72
O1N NAP G . -1.73 -20.27 13.59
O2N NAP G . 0.54 -21.17 12.65
O5D NAP G . 0.45 -19.05 14.06
C5D NAP G . 1.84 -18.84 14.17
C4D NAP G . 1.95 -17.37 14.52
O4D NAP G . 1.62 -16.65 13.34
C3D NAP G . 1.10 -16.78 15.60
O3D NAP G . 1.76 -16.76 16.87
C2D NAP G . 0.95 -15.33 15.15
O2D NAP G . 1.64 -14.43 16.03
C1D NAP G . 1.61 -15.27 13.75
N1N NAP G . 0.75 -14.52 12.84
C2N NAP G . 1.18 -13.28 12.38
C3N NAP G . 0.35 -12.47 11.60
C7N NAP G . 0.82 -11.15 11.08
O7N NAP G . 0.02 -10.44 10.44
N7N NAP G . 2.11 -10.79 11.22
C4N NAP G . -0.86 -13.02 11.19
C5N NAP G . -1.23 -14.28 11.61
C6N NAP G . -0.40 -15.03 12.41
P2B NAP G . 6.27 -27.99 15.33
O1X NAP G . 5.88 -28.48 13.97
O2X NAP G . 7.62 -27.71 15.52
O3X NAP G . 5.44 -28.75 16.40
C1 EDO H . -6.48 8.76 15.90
O1 EDO H . -5.33 8.77 15.10
C2 EDO H . -6.22 9.82 16.97
O2 EDO H . -5.30 9.35 17.93
#